data_5YE8
#
_entry.id   5YE8
#
_cell.length_a   115.869
_cell.length_b   82.772
_cell.length_c   96.655
_cell.angle_alpha   90.000
_cell.angle_beta   115.250
_cell.angle_gamma   90.000
#
_symmetry.space_group_name_H-M   'C 1 2 1'
#
loop_
_entity.id
_entity.type
_entity.pdbx_description
1 polymer 'Platelet-activating factor acetylhydrolase'
2 non-polymer N-[3,4-bis(fluoranyl)phenyl]methanesulfonamide
3 water water
#
_entity_poly.entity_id   1
_entity_poly.type   'polypeptide(L)'
_entity_poly.pdbx_seq_one_letter_code
;GPLGSAAASFGQTKIPRGNGPYSVGCTDLMFDHTNKGTFLRLYYPSQDNDRLDTLWIPNKEYFWGLSKFLGTHWLMGNIL
RLLFGSMTTPANWNSPLRPGEKYPLVVFSHGLGAFRTLYSAIGIDLASHGFIVAAVEHRDRSASATYYFKDQSAAEIGDK
SWLYLRTLKQEEETHIRNEQVRQRAKECSQALSLILDIDHGKPVKNALDLKFDMEQLKDSIDREKIAVIGHSFGGATVIQ
TLSEDQRFRCGIALDAWMFPLGDEVYSRIPQPLFFINSEYFQYPANIIKMKKCYSPDKERKMITIRGSVHQNFADFTFAT
GKIIGHMLKLKGDIDSNVAIDLSNKASLAFLQKHLGLHKDFDQWDCLIEGDDENLIPGTNINTTNQHI
;
_entity_poly.pdbx_strand_id   B,A
#
# COMPACT_ATOMS: atom_id res chain seq x y z
N LYS A 14 -30.89 20.24 8.58
CA LYS A 14 -31.57 19.67 7.42
C LYS A 14 -30.67 18.71 6.66
N ILE A 15 -29.42 18.56 7.11
CA ILE A 15 -28.56 17.51 6.56
C ILE A 15 -29.18 16.16 6.91
N PRO A 16 -29.43 15.33 5.89
CA PRO A 16 -30.15 14.08 6.10
C PRO A 16 -29.41 13.05 6.96
N ARG A 17 -30.16 12.37 7.83
CA ARG A 17 -29.63 11.22 8.54
C ARG A 17 -29.30 10.10 7.56
N GLY A 18 -28.38 9.23 7.96
CA GLY A 18 -28.02 8.09 7.13
C GLY A 18 -29.21 7.16 6.95
N ASN A 19 -29.32 6.55 5.78
CA ASN A 19 -30.44 5.68 5.48
C ASN A 19 -30.22 4.23 5.88
N GLY A 20 -28.99 3.89 6.23
CA GLY A 20 -28.64 2.51 6.50
C GLY A 20 -28.97 2.09 7.93
N PRO A 21 -28.80 0.80 8.23
CA PRO A 21 -29.18 0.24 9.53
C PRO A 21 -28.25 0.58 10.71
N TYR A 22 -27.02 1.03 10.44
CA TYR A 22 -26.09 1.34 11.53
C TYR A 22 -26.28 2.77 12.03
N SER A 23 -26.13 2.98 13.34
CA SER A 23 -26.09 4.35 13.86
C SER A 23 -24.69 4.89 13.58
N VAL A 24 -24.57 6.21 13.47
CA VAL A 24 -23.34 6.85 13.01
C VAL A 24 -22.69 7.73 14.06
N GLY A 25 -21.41 7.47 14.32
CA GLY A 25 -20.61 8.33 15.18
C GLY A 25 -19.67 9.19 14.35
N CYS A 26 -19.14 10.25 14.95
CA CYS A 26 -18.19 11.11 14.26
C CYS A 26 -17.10 11.60 15.21
N THR A 27 -15.87 11.69 14.72
CA THR A 27 -14.78 12.30 15.48
C THR A 27 -13.73 12.86 14.54
N ASP A 28 -12.75 13.57 15.08
CA ASP A 28 -11.63 14.10 14.30
C ASP A 28 -10.30 13.47 14.75
N LEU A 29 -9.39 13.32 13.78
CA LEU A 29 -8.08 12.77 14.05
C LEU A 29 -7.01 13.58 13.35
N MET A 30 -6.01 14.04 14.11
CA MET A 30 -4.85 14.68 13.51
C MET A 30 -3.58 13.99 14.00
N PHE A 31 -2.79 13.48 13.06
CA PHE A 31 -1.51 12.83 13.40
C PHE A 31 -0.61 12.74 12.18
N ASP A 32 0.65 13.18 12.29
CA ASP A 32 1.14 13.89 13.49
C ASP A 32 0.55 15.31 13.56
N HIS A 33 1.07 16.13 14.46
CA HIS A 33 0.49 17.45 14.72
C HIS A 33 0.90 18.51 13.69
N THR A 34 1.88 18.19 12.84
CA THR A 34 2.50 19.19 11.99
C THR A 34 1.75 19.43 10.68
N ASN A 35 2.24 20.42 9.93
CA ASN A 35 1.63 20.73 8.65
C ASN A 35 1.81 19.60 7.63
N LYS A 36 2.70 18.66 7.93
CA LYS A 36 2.94 17.54 7.03
C LYS A 36 2.19 16.29 7.49
N GLY A 37 1.55 16.38 8.64
CA GLY A 37 0.81 15.25 9.17
C GLY A 37 -0.56 15.12 8.50
N THR A 38 -1.35 14.17 8.98
CA THR A 38 -2.68 13.90 8.42
C THR A 38 -3.77 14.48 9.31
N PHE A 39 -4.78 15.07 8.70
CA PHE A 39 -5.94 15.59 9.43
C PHE A 39 -7.19 15.05 8.75
N LEU A 40 -8.07 14.41 9.51
CA LEU A 40 -9.28 13.85 8.93
C LEU A 40 -10.44 13.87 9.90
N ARG A 41 -11.66 13.91 9.34
CA ARG A 41 -12.86 13.66 10.10
C ARG A 41 -13.31 12.24 9.81
N LEU A 42 -13.56 11.48 10.85
CA LEU A 42 -13.98 10.10 10.72
C LEU A 42 -15.50 9.95 10.95
N TYR A 43 -16.19 9.29 10.03
CA TYR A 43 -17.56 8.84 10.25
C TYR A 43 -17.55 7.32 10.31
N TYR A 44 -18.28 6.73 11.25
CA TYR A 44 -18.15 5.29 11.53
C TYR A 44 -19.42 4.74 12.19
N PRO A 45 -19.64 3.42 12.10
CA PRO A 45 -20.79 2.82 12.76
C PRO A 45 -20.61 2.87 14.27
N SER A 46 -21.55 3.47 14.97
CA SER A 46 -21.42 3.67 16.41
C SER A 46 -22.19 2.65 17.22
N GLN A 47 -21.70 2.37 18.42
CA GLN A 47 -22.36 1.47 19.34
C GLN A 47 -23.64 2.11 19.88
N ASP A 48 -23.57 3.41 20.18
CA ASP A 48 -24.71 4.15 20.71
C ASP A 48 -25.36 5.04 19.66
N ASN A 49 -26.65 5.29 19.82
CA ASN A 49 -27.36 6.30 19.03
C ASN A 49 -27.98 7.34 19.94
N ASP A 50 -27.14 7.97 20.77
CA ASP A 50 -27.57 8.80 21.90
C ASP A 50 -28.09 10.18 21.56
N ARG A 51 -27.40 10.88 20.65
CA ARG A 51 -27.78 12.23 20.26
C ARG A 51 -27.04 12.66 18.98
N LEU A 52 -27.72 13.40 18.11
CA LEU A 52 -27.09 13.82 16.85
C LEU A 52 -26.51 15.23 17.00
N ASP A 53 -25.34 15.32 17.62
CA ASP A 53 -24.84 16.59 18.11
C ASP A 53 -23.54 17.10 17.49
N THR A 54 -23.10 16.48 16.39
CA THR A 54 -21.81 16.87 15.79
C THR A 54 -21.88 18.26 15.18
N LEU A 55 -20.93 19.12 15.52
CA LEU A 55 -20.95 20.47 14.99
C LEU A 55 -20.44 20.47 13.54
N TRP A 56 -21.24 21.05 12.64
CA TRP A 56 -20.98 20.96 11.20
C TRP A 56 -19.72 21.71 10.79
N ILE A 57 -19.63 22.99 11.14
CA ILE A 57 -18.45 23.78 10.86
C ILE A 57 -17.89 24.26 12.19
N PRO A 58 -16.80 23.62 12.66
CA PRO A 58 -16.48 23.71 14.08
C PRO A 58 -15.65 24.91 14.53
N ASN A 59 -15.10 25.72 13.62
CA ASN A 59 -14.24 26.85 14.00
C ASN A 59 -14.56 28.10 13.19
N LYS A 60 -14.38 29.27 13.79
CA LYS A 60 -14.75 30.52 13.12
C LYS A 60 -13.84 30.80 11.92
N GLU A 61 -12.62 30.29 11.96
CA GLU A 61 -11.69 30.54 10.87
C GLU A 61 -12.14 29.89 9.55
N TYR A 62 -12.95 28.83 9.61
CA TYR A 62 -13.46 28.22 8.38
C TYR A 62 -14.42 29.20 7.68
N PHE A 63 -15.20 29.91 8.49
CA PHE A 63 -16.11 30.92 7.93
C PHE A 63 -15.34 32.07 7.30
N TRP A 64 -14.20 32.43 7.88
CA TRP A 64 -13.35 33.45 7.27
C TRP A 64 -12.76 32.95 5.97
N GLY A 65 -12.33 31.69 5.96
CA GLY A 65 -11.82 31.08 4.75
C GLY A 65 -12.87 31.03 3.66
N LEU A 66 -14.10 30.67 4.02
CA LEU A 66 -15.16 30.59 3.00
C LEU A 66 -15.41 31.96 2.39
N SER A 67 -15.35 33.01 3.20
CA SER A 67 -15.50 34.37 2.68
C SER A 67 -14.40 34.72 1.68
N LYS A 68 -13.16 34.39 2.02
CA LYS A 68 -12.05 34.59 1.08
C LYS A 68 -12.28 33.84 -0.22
N PHE A 69 -12.74 32.59 -0.11
CA PHE A 69 -13.04 31.77 -1.27
C PHE A 69 -14.10 32.44 -2.16
N LEU A 70 -15.14 32.97 -1.53
CA LEU A 70 -16.23 33.60 -2.26
C LEU A 70 -15.83 34.95 -2.82
N GLY A 71 -14.71 35.49 -2.33
CA GLY A 71 -14.23 36.79 -2.73
C GLY A 71 -14.92 37.96 -2.05
N THR A 72 -15.55 37.71 -0.90
CA THR A 72 -16.33 38.73 -0.21
C THR A 72 -15.65 39.23 1.07
N TRP A 74 -15.02 39.80 4.08
CA TRP A 74 -14.65 40.27 5.42
C TRP A 74 -15.83 40.18 6.38
N LEU A 75 -16.86 40.99 6.14
CA LEU A 75 -18.06 40.97 6.96
C LEU A 75 -18.94 39.79 6.59
N MET A 76 -18.75 39.28 5.38
CA MET A 76 -19.46 38.08 4.94
C MET A 76 -19.14 36.89 5.84
N GLY A 77 -17.88 36.82 6.29
CA GLY A 77 -17.45 35.75 7.17
C GLY A 77 -18.31 35.67 8.42
N ASN A 78 -18.51 36.81 9.07
CA ASN A 78 -19.30 36.84 10.29
C ASN A 78 -20.78 36.59 10.04
N ILE A 79 -21.27 36.96 8.86
CA ILE A 79 -22.65 36.63 8.49
C ILE A 79 -22.84 35.11 8.37
N LEU A 80 -21.95 34.47 7.63
CA LEU A 80 -21.99 33.02 7.47
C LEU A 80 -21.95 32.35 8.84
N ARG A 81 -21.11 32.88 9.71
CA ARG A 81 -20.95 32.34 11.04
C ARG A 81 -22.20 32.48 11.89
N LEU A 82 -22.86 33.63 11.81
CA LEU A 82 -24.11 33.84 12.55
C LEU A 82 -25.19 32.87 12.06
N LEU A 83 -25.24 32.68 10.75
CA LEU A 83 -26.22 31.81 10.13
C LEU A 83 -25.98 30.32 10.39
N PHE A 84 -24.72 29.89 10.36
CA PHE A 84 -24.45 28.46 10.36
C PHE A 84 -23.54 27.97 11.48
N GLY A 85 -23.08 28.90 12.32
CA GLY A 85 -22.11 28.57 13.35
C GLY A 85 -22.51 27.53 14.37
N SER A 86 -23.82 27.32 14.55
CA SER A 86 -24.26 26.34 15.55
C SER A 86 -24.99 25.17 14.90
N MET A 87 -25.03 25.16 13.58
CA MET A 87 -25.66 24.09 12.84
C MET A 87 -24.99 22.75 13.13
N THR A 88 -25.77 21.70 13.29
CA THR A 88 -25.22 20.39 13.54
C THR A 88 -25.35 19.50 12.30
N THR A 89 -24.72 18.32 12.37
CA THR A 89 -24.87 17.33 11.33
C THR A 89 -25.20 16.01 12.07
N PRO A 90 -26.06 15.18 11.49
CA PRO A 90 -26.67 14.06 12.25
C PRO A 90 -25.75 12.89 12.52
N ALA A 91 -24.76 13.09 13.38
CA ALA A 91 -23.87 12.02 13.80
C ALA A 91 -23.58 12.16 15.29
N ASN A 92 -23.40 11.03 15.99
CA ASN A 92 -23.11 11.04 17.42
C ASN A 92 -21.63 11.36 17.67
N TRP A 93 -21.36 12.60 18.08
CA TRP A 93 -19.99 13.05 18.33
C TRP A 93 -19.27 12.20 19.38
N ASN A 94 -18.15 11.59 18.97
CA ASN A 94 -17.29 10.79 19.84
C ASN A 94 -17.95 9.56 20.45
N SER A 95 -19.07 9.12 19.87
CA SER A 95 -19.67 7.87 20.29
C SER A 95 -18.72 6.71 20.04
N PRO A 96 -18.73 5.70 20.93
CA PRO A 96 -17.85 4.54 20.71
C PRO A 96 -18.10 3.84 19.38
N LEU A 97 -17.03 3.32 18.79
CA LEU A 97 -17.13 2.49 17.59
C LEU A 97 -17.90 1.20 17.88
N ARG A 98 -18.78 0.81 16.97
CA ARG A 98 -19.50 -0.45 17.10
C ARG A 98 -18.51 -1.61 16.95
N PRO A 99 -18.43 -2.47 17.97
CA PRO A 99 -17.44 -3.53 17.97
C PRO A 99 -17.89 -4.77 17.20
N GLY A 100 -17.01 -5.77 17.14
CA GLY A 100 -17.38 -7.07 16.61
C GLY A 100 -17.31 -7.27 15.10
N GLU A 101 -16.80 -6.29 14.36
CA GLU A 101 -16.73 -6.44 12.91
C GLU A 101 -15.60 -5.63 12.29
N LYS A 102 -15.15 -6.09 11.13
CA LYS A 102 -14.17 -5.35 10.35
C LYS A 102 -14.92 -4.58 9.24
N TYR A 103 -14.72 -3.28 9.20
CA TYR A 103 -15.47 -2.43 8.29
C TYR A 103 -14.67 -2.05 7.06
N PRO A 104 -15.35 -1.98 5.90
CA PRO A 104 -14.67 -1.44 4.71
C PRO A 104 -14.38 0.05 4.92
N LEU A 105 -13.42 0.57 4.19
CA LEU A 105 -12.92 1.90 4.43
C LEU A 105 -12.97 2.78 3.17
N VAL A 106 -13.51 3.98 3.31
CA VAL A 106 -13.49 5.00 2.27
C VAL A 106 -12.62 6.18 2.70
N VAL A 107 -11.71 6.60 1.83
CA VAL A 107 -11.01 7.87 2.03
C VAL A 107 -11.67 8.90 1.12
N PHE A 108 -12.06 10.05 1.68
CA PHE A 108 -12.83 11.03 0.89
C PHE A 108 -12.07 12.35 0.73
N SER A 109 -12.05 12.87 -0.50
CA SER A 109 -11.30 14.09 -0.79
C SER A 109 -12.23 15.25 -1.18
N HIS A 110 -12.09 16.39 -0.50
CA HIS A 110 -12.99 17.52 -0.68
C HIS A 110 -12.59 18.41 -1.87
N GLY A 111 -13.51 19.25 -2.29
CA GLY A 111 -13.28 20.09 -3.46
C GLY A 111 -12.52 21.37 -3.14
N LEU A 112 -12.30 22.19 -4.16
CA LEU A 112 -11.61 23.46 -4.00
C LEU A 112 -12.44 24.39 -3.14
N GLY A 113 -11.83 24.99 -2.12
CA GLY A 113 -12.55 25.90 -1.24
C GLY A 113 -13.33 25.19 -0.13
N ALA A 114 -13.38 23.87 -0.16
CA ALA A 114 -14.07 23.14 0.92
C ALA A 114 -13.09 22.79 2.06
N PHE A 115 -13.50 21.86 2.92
CA PHE A 115 -12.64 21.32 3.99
C PHE A 115 -13.33 20.03 4.50
N ARG A 116 -12.80 19.39 5.52
CA ARG A 116 -13.16 17.99 5.81
C ARG A 116 -14.62 17.74 6.23
N THR A 117 -15.31 18.79 6.68
CA THR A 117 -16.62 18.60 7.31
C THR A 117 -17.80 18.83 6.37
N LEU A 118 -17.54 19.22 5.12
CA LEU A 118 -18.60 19.71 4.24
C LEU A 118 -19.26 18.64 3.37
N TYR A 119 -18.88 17.39 3.59
CA TYR A 119 -19.48 16.31 2.83
C TYR A 119 -20.02 15.25 3.78
N SER A 120 -20.65 15.73 4.84
CA SER A 120 -21.15 14.84 5.88
C SER A 120 -22.39 14.08 5.43
N ALA A 121 -23.17 14.64 4.51
CA ALA A 121 -24.35 13.94 4.01
C ALA A 121 -23.92 12.63 3.36
N ILE A 122 -22.85 12.69 2.59
CA ILE A 122 -22.29 11.47 1.99
C ILE A 122 -21.61 10.60 3.04
N GLY A 123 -20.77 11.20 3.88
CA GLY A 123 -20.02 10.45 4.87
C GLY A 123 -20.92 9.70 5.85
N ILE A 124 -21.95 10.39 6.33
CA ILE A 124 -22.87 9.77 7.28
C ILE A 124 -23.67 8.65 6.61
N ASP A 125 -24.13 8.85 5.38
CA ASP A 125 -24.88 7.78 4.73
C ASP A 125 -24.03 6.53 4.54
N LEU A 126 -22.79 6.68 4.07
CA LEU A 126 -21.90 5.53 3.94
C LEU A 126 -21.68 4.83 5.28
N ALA A 127 -21.44 5.61 6.32
CA ALA A 127 -21.21 5.04 7.64
C ALA A 127 -22.43 4.26 8.11
N SER A 128 -23.63 4.77 7.81
CA SER A 128 -24.86 4.12 8.26
C SER A 128 -25.06 2.77 7.57
N HIS A 129 -24.30 2.53 6.50
CA HIS A 129 -24.36 1.27 5.77
C HIS A 129 -23.16 0.38 6.08
N GLY A 130 -22.34 0.80 7.04
CA GLY A 130 -21.31 -0.08 7.58
C GLY A 130 -19.89 0.22 7.14
N PHE A 131 -19.66 1.42 6.62
CA PHE A 131 -18.31 1.87 6.27
C PHE A 131 -17.72 2.74 7.36
N ILE A 132 -16.39 2.74 7.45
CA ILE A 132 -15.68 3.83 8.11
C ILE A 132 -15.28 4.79 6.98
N VAL A 133 -15.52 6.07 7.20
CA VAL A 133 -15.19 7.07 6.20
C VAL A 133 -14.21 8.05 6.83
N ALA A 134 -13.07 8.26 6.17
CA ALA A 134 -12.08 9.24 6.60
C ALA A 134 -12.06 10.40 5.60
N ALA A 135 -12.63 11.52 6.00
CA ALA A 135 -12.68 12.67 5.13
C ALA A 135 -11.46 13.54 5.43
N VAL A 136 -10.54 13.59 4.48
CA VAL A 136 -9.29 14.26 4.72
C VAL A 136 -9.44 15.77 4.61
N GLU A 137 -8.65 16.51 5.37
CA GLU A 137 -8.53 17.95 5.14
C GLU A 137 -7.18 18.20 4.47
N HIS A 138 -7.22 18.75 3.27
CA HIS A 138 -5.97 18.92 2.52
C HIS A 138 -5.18 20.15 2.98
N ARG A 139 -3.87 20.03 3.00
CA ARG A 139 -2.98 21.11 3.42
C ARG A 139 -2.25 21.70 2.21
N ASP A 140 -2.84 21.54 1.03
CA ASP A 140 -2.25 22.04 -0.20
C ASP A 140 -2.64 23.49 -0.53
N ARG A 141 -3.34 24.13 0.40
CA ARG A 141 -3.95 25.46 0.20
C ARG A 141 -5.10 25.46 -0.81
N SER A 142 -5.71 24.30 -1.02
CA SER A 142 -6.97 24.20 -1.74
C SER A 142 -8.14 24.28 -0.77
N ALA A 143 -7.92 23.97 0.51
CA ALA A 143 -9.00 24.17 1.47
C ALA A 143 -9.23 25.67 1.71
N SER A 144 -10.47 26.07 1.94
CA SER A 144 -10.78 27.45 2.34
C SER A 144 -9.91 27.83 3.54
N ALA A 145 -9.90 26.94 4.52
CA ALA A 145 -9.04 27.06 5.68
C ALA A 145 -8.70 25.66 6.18
N THR A 146 -7.58 25.53 6.87
CA THR A 146 -7.23 24.34 7.63
C THR A 146 -6.22 24.75 8.69
N TYR A 147 -5.93 23.86 9.63
CA TYR A 147 -4.91 24.20 10.62
C TYR A 147 -4.05 23.01 10.98
N TYR A 148 -2.97 23.32 11.69
CA TYR A 148 -1.98 22.37 12.14
C TYR A 148 -1.27 22.98 13.36
N PHE A 149 -0.32 22.27 13.94
CA PHE A 149 0.35 22.80 15.13
C PHE A 149 1.86 22.87 14.90
N LYS A 150 2.48 23.92 15.41
CA LYS A 150 3.90 24.11 15.15
C LYS A 150 4.77 23.23 16.04
N ASP A 151 4.22 22.81 17.18
CA ASP A 151 4.93 21.86 18.03
C ASP A 151 3.95 21.16 18.95
N GLN A 152 4.46 20.22 19.73
CA GLN A 152 3.63 19.43 20.64
C GLN A 152 2.95 20.29 21.70
N SER A 153 3.66 21.28 22.22
CA SER A 153 3.09 22.15 23.25
C SER A 153 1.91 22.94 22.72
N ALA A 154 2.00 23.38 21.47
CA ALA A 154 0.90 24.10 20.85
C ALA A 154 -0.31 23.18 20.69
N ALA A 155 -0.10 21.93 20.27
CA ALA A 155 -1.21 20.97 20.16
C ALA A 155 -1.88 20.80 21.51
N GLU A 156 -1.05 20.67 22.54
CA GLU A 156 -1.52 20.51 23.90
C GLU A 156 -2.38 21.70 24.37
N ILE A 157 -2.01 22.91 23.94
CA ILE A 157 -2.72 24.14 24.34
C ILE A 157 -3.88 24.45 23.38
N GLY A 158 -3.91 23.78 22.23
CA GLY A 158 -4.92 24.08 21.24
C GLY A 158 -4.59 25.38 20.54
N ASP A 159 -3.30 25.70 20.53
CA ASP A 159 -2.77 26.91 19.86
C ASP A 159 -2.59 26.63 18.38
N LYS A 160 -3.66 26.86 17.60
CA LYS A 160 -3.70 26.48 16.19
C LYS A 160 -3.00 27.48 15.26
N SER A 161 -2.29 26.95 14.25
CA SER A 161 -1.78 27.77 13.15
C SER A 161 -2.65 27.58 11.92
N TRP A 162 -3.23 28.67 11.41
CA TRP A 162 -4.19 28.53 10.33
C TRP A 162 -3.57 28.73 8.96
N LEU A 163 -4.06 27.96 8.00
CA LEU A 163 -3.58 28.01 6.62
C LEU A 163 -4.77 28.24 5.72
N TYR A 164 -4.73 29.29 4.90
CA TYR A 164 -5.91 29.67 4.10
C TYR A 164 -5.70 29.47 2.62
N LEU A 165 -6.83 29.38 1.90
CA LEU A 165 -6.81 29.18 0.46
C LEU A 165 -5.84 30.10 -0.26
N ARG A 166 -5.06 29.54 -1.17
CA ARG A 166 -4.17 30.30 -2.03
C ARG A 166 -4.91 30.69 -3.30
N THR A 167 -5.04 31.99 -3.58
CA THR A 167 -5.58 32.40 -4.88
C THR A 167 -4.47 32.36 -5.93
N LEU A 168 -4.82 32.00 -7.16
CA LEU A 168 -3.82 31.86 -8.21
C LEU A 168 -4.02 32.88 -9.33
N LYS A 169 -2.92 33.30 -9.93
CA LYS A 169 -2.99 33.99 -11.21
C LYS A 169 -3.23 32.95 -12.29
N GLN A 170 -3.82 33.36 -13.40
CA GLN A 170 -4.04 32.47 -14.55
C GLN A 170 -2.75 31.79 -14.97
N GLU A 171 -1.66 32.54 -14.98
CA GLU A 171 -0.35 32.03 -15.39
C GLU A 171 0.16 30.88 -14.51
N GLU A 172 -0.41 30.75 -13.32
CA GLU A 172 0.03 29.75 -12.34
C GLU A 172 -0.80 28.46 -12.37
N GLU A 173 -2.00 28.53 -12.94
CA GLU A 173 -3.02 27.49 -12.75
C GLU A 173 -2.55 26.10 -13.14
N THR A 174 -2.02 25.94 -14.35
CA THR A 174 -1.63 24.61 -14.81
C THR A 174 -0.61 23.96 -13.88
N HIS A 175 0.49 24.65 -13.62
CA HIS A 175 1.57 24.10 -12.81
C HIS A 175 1.12 23.82 -11.37
N ILE A 176 0.53 24.82 -10.74
CA ILE A 176 0.18 24.72 -9.33
C ILE A 176 -0.99 23.74 -9.08
N ARG A 177 -2.00 23.72 -9.94
CA ARG A 177 -3.11 22.79 -9.77
C ARG A 177 -2.59 21.36 -9.82
N ASN A 178 -1.62 21.11 -10.69
CA ASN A 178 -1.05 19.78 -10.79
C ASN A 178 -0.18 19.43 -9.60
N GLU A 179 0.52 20.41 -9.03
CA GLU A 179 1.29 20.16 -7.81
C GLU A 179 0.37 19.88 -6.65
N GLN A 180 -0.77 20.57 -6.62
CA GLN A 180 -1.77 20.36 -5.60
C GLN A 180 -2.41 18.96 -5.71
N VAL A 181 -2.72 18.50 -6.93
CA VAL A 181 -3.40 17.20 -7.04
C VAL A 181 -2.41 16.09 -6.65
N ARG A 182 -1.12 16.31 -6.89
CA ARG A 182 -0.11 15.32 -6.45
C ARG A 182 0.01 15.30 -4.92
N GLN A 183 0.00 16.48 -4.29
CA GLN A 183 0.02 16.53 -2.81
C GLN A 183 -1.25 15.90 -2.22
N ARG A 184 -2.40 16.17 -2.84
CA ARG A 184 -3.68 15.62 -2.40
C ARG A 184 -3.67 14.10 -2.42
N ALA A 185 -3.07 13.54 -3.47
CA ALA A 185 -3.01 12.10 -3.61
C ALA A 185 -2.09 11.51 -2.54
N LYS A 186 -0.98 12.20 -2.28
CA LYS A 186 -0.10 11.82 -1.19
C LYS A 186 -0.81 11.88 0.17
N GLU A 187 -1.67 12.89 0.35
CA GLU A 187 -2.42 13.04 1.61
C GLU A 187 -3.48 11.94 1.77
N CYS A 188 -4.10 11.55 0.66
CA CYS A 188 -5.01 10.42 0.69
C CYS A 188 -4.28 9.12 1.03
N SER A 189 -3.14 8.87 0.39
CA SER A 189 -2.31 7.70 0.73
C SER A 189 -1.83 7.71 2.18
N GLN A 190 -1.41 8.88 2.66
CA GLN A 190 -0.95 9.03 4.03
C GLN A 190 -2.07 8.76 5.03
N ALA A 191 -3.26 9.26 4.74
CA ALA A 191 -4.39 9.04 5.65
C ALA A 191 -4.71 7.55 5.71
N LEU A 192 -4.67 6.91 4.54
CA LEU A 192 -4.92 5.47 4.50
C LEU A 192 -3.88 4.74 5.35
N SER A 193 -2.60 5.12 5.20
CA SER A 193 -1.54 4.49 5.96
C SER A 193 -1.73 4.68 7.46
N LEU A 194 -2.17 5.87 7.85
CA LEU A 194 -2.40 6.17 9.27
C LEU A 194 -3.46 5.23 9.87
N ILE A 195 -4.60 5.10 9.19
CA ILE A 195 -5.66 4.24 9.65
C ILE A 195 -5.25 2.77 9.63
N LEU A 196 -4.59 2.32 8.56
CA LEU A 196 -4.12 0.94 8.50
C LEU A 196 -3.09 0.66 9.61
N ASP A 197 -2.23 1.63 9.91
CA ASP A 197 -1.24 1.45 10.98
C ASP A 197 -1.94 1.40 12.35
N ILE A 198 -2.93 2.26 12.58
CA ILE A 198 -3.72 2.20 13.80
C ILE A 198 -4.46 0.86 13.89
N ASP A 199 -4.99 0.40 12.76
CA ASP A 199 -5.68 -0.88 12.70
C ASP A 199 -4.78 -2.02 13.17
N HIS A 200 -3.48 -1.91 12.91
CA HIS A 200 -2.54 -2.95 13.32
C HIS A 200 -1.65 -2.57 14.50
N GLY A 201 -2.17 -1.72 15.37
CA GLY A 201 -1.61 -1.53 16.70
C GLY A 201 -0.68 -0.36 16.90
N LYS A 202 -0.40 0.41 15.85
CA LYS A 202 0.51 1.54 15.99
C LYS A 202 -0.04 2.49 17.04
N PRO A 203 0.73 2.73 18.11
CA PRO A 203 0.20 3.65 19.11
C PRO A 203 0.20 5.07 18.56
N VAL A 204 -0.92 5.77 18.68
CA VAL A 204 -0.99 7.14 18.20
C VAL A 204 -1.51 8.06 19.28
N LYS A 205 -0.95 9.25 19.33
CA LYS A 205 -1.46 10.29 20.21
C LYS A 205 -2.13 11.35 19.36
N ASN A 206 -3.47 11.33 19.33
CA ASN A 206 -4.25 12.32 18.57
C ASN A 206 -3.82 13.73 18.98
N ALA A 207 -3.48 14.57 18.01
CA ALA A 207 -3.09 15.95 18.32
C ALA A 207 -4.26 16.74 18.89
N LEU A 208 -5.47 16.29 18.62
CA LEU A 208 -6.67 16.89 19.16
C LEU A 208 -7.04 16.12 20.43
N ASP A 209 -7.42 16.84 21.48
CA ASP A 209 -7.86 16.18 22.71
C ASP A 209 -9.36 15.94 22.63
N LEU A 210 -9.75 14.69 22.40
CA LEU A 210 -11.16 14.36 22.23
C LEU A 210 -11.47 13.07 22.96
N LYS A 211 -12.73 12.89 23.34
CA LYS A 211 -13.18 11.72 24.10
C LYS A 211 -13.52 10.52 23.24
N PHE A 212 -12.74 10.30 22.18
CA PHE A 212 -12.82 9.07 21.39
C PHE A 212 -11.42 8.48 21.43
N ASP A 213 -11.29 7.29 22.01
CA ASP A 213 -10.00 6.63 22.13
C ASP A 213 -9.65 5.95 20.81
N MET A 214 -8.58 6.38 20.16
CA MET A 214 -8.25 5.86 18.84
C MET A 214 -7.85 4.39 18.89
N GLU A 215 -7.67 3.84 20.09
CA GLU A 215 -7.33 2.43 20.23
C GLU A 215 -8.50 1.54 19.82
N GLN A 216 -9.72 2.09 19.88
CA GLN A 216 -10.90 1.36 19.41
C GLN A 216 -10.76 0.90 17.97
N LEU A 217 -9.97 1.63 17.18
CA LEU A 217 -9.81 1.31 15.76
C LEU A 217 -8.95 0.08 15.50
N LYS A 218 -8.23 -0.39 16.53
CA LYS A 218 -7.41 -1.59 16.35
C LYS A 218 -8.26 -2.73 15.85
N ASP A 219 -7.76 -3.45 14.84
CA ASP A 219 -8.45 -4.59 14.25
C ASP A 219 -9.90 -4.28 13.87
N SER A 220 -10.16 -3.10 13.34
CA SER A 220 -11.52 -2.73 12.96
C SER A 220 -11.70 -2.53 11.46
N ILE A 221 -10.63 -2.68 10.68
CA ILE A 221 -10.67 -2.41 9.24
C ILE A 221 -10.58 -3.67 8.38
N ASP A 222 -11.47 -3.79 7.40
CA ASP A 222 -11.32 -4.79 6.34
C ASP A 222 -10.33 -4.26 5.32
N ARG A 223 -9.09 -4.72 5.45
CA ARG A 223 -7.96 -4.10 4.77
C ARG A 223 -7.96 -4.33 3.26
N GLU A 224 -8.72 -5.32 2.79
CA GLU A 224 -8.85 -5.57 1.36
C GLU A 224 -9.93 -4.70 0.73
N LYS A 225 -10.75 -4.07 1.56
CA LYS A 225 -11.93 -3.37 1.06
C LYS A 225 -11.83 -1.86 1.26
N ILE A 226 -11.03 -1.24 0.39
CA ILE A 226 -10.64 0.16 0.50
C ILE A 226 -10.99 0.89 -0.78
N ALA A 227 -11.66 2.02 -0.65
CA ALA A 227 -12.02 2.83 -1.81
C ALA A 227 -11.68 4.30 -1.57
N VAL A 228 -11.49 5.04 -2.66
CA VAL A 228 -11.29 6.47 -2.55
C VAL A 228 -12.42 7.19 -3.31
N ILE A 229 -12.99 8.22 -2.68
CA ILE A 229 -14.12 8.95 -3.23
C ILE A 229 -13.81 10.44 -3.08
N GLY A 230 -14.27 11.27 -4.01
CA GLY A 230 -13.94 12.69 -3.96
C GLY A 230 -14.80 13.53 -4.90
N HIS A 231 -14.95 14.81 -4.56
CA HIS A 231 -15.82 15.70 -5.33
C HIS A 231 -15.03 16.81 -5.97
N SER A 232 -15.31 17.07 -7.25
CA SER A 232 -14.72 18.22 -7.96
C SER A 232 -13.19 18.10 -7.97
N PHE A 233 -12.49 18.97 -7.26
CA PHE A 233 -11.03 18.84 -7.14
C PHE A 233 -10.74 17.46 -6.52
N GLY A 234 -11.63 17.01 -5.66
CA GLY A 234 -11.46 15.72 -5.02
C GLY A 234 -11.70 14.56 -5.98
N GLY A 235 -12.46 14.81 -7.03
CA GLY A 235 -12.67 13.81 -8.07
C GLY A 235 -11.40 13.60 -8.88
N ALA A 236 -10.71 14.68 -9.23
CA ALA A 236 -9.37 14.56 -9.80
C ALA A 236 -8.41 13.83 -8.85
N THR A 237 -8.56 14.10 -7.56
CA THR A 237 -7.73 13.44 -6.55
C THR A 237 -7.97 11.92 -6.52
N VAL A 238 -9.21 11.51 -6.72
CA VAL A 238 -9.52 10.08 -6.82
C VAL A 238 -8.63 9.44 -7.89
N ILE A 239 -8.56 10.06 -9.06
CA ILE A 239 -7.88 9.48 -10.20
C ILE A 239 -6.36 9.47 -10.01
N GLN A 240 -5.83 10.57 -9.49
CA GLN A 240 -4.40 10.64 -9.18
C GLN A 240 -4.03 9.62 -8.12
N THR A 241 -4.86 9.49 -7.09
CA THR A 241 -4.60 8.56 -5.98
C THR A 241 -4.63 7.09 -6.45
N LEU A 242 -5.65 6.73 -7.23
CA LEU A 242 -5.75 5.38 -7.81
C LEU A 242 -4.51 5.03 -8.62
N SER A 243 -4.03 6.02 -9.37
CA SER A 243 -2.85 5.86 -10.22
C SER A 243 -1.60 5.50 -9.41
N GLU A 244 -1.48 6.08 -8.22
CA GLU A 244 -0.28 5.97 -7.40
C GLU A 244 -0.31 4.82 -6.39
N ASP A 245 -1.51 4.44 -5.95
CA ASP A 245 -1.69 3.62 -4.75
C ASP A 245 -2.69 2.49 -5.00
N GLN A 246 -2.17 1.29 -5.20
CA GLN A 246 -3.00 0.15 -5.55
C GLN A 246 -3.67 -0.48 -4.33
N ARG A 247 -3.46 0.09 -3.14
CA ARG A 247 -4.21 -0.34 -1.95
C ARG A 247 -5.68 0.06 -2.07
N PHE A 248 -5.91 1.16 -2.80
CA PHE A 248 -7.25 1.60 -3.13
C PHE A 248 -7.75 0.72 -4.28
N ARG A 249 -8.84 0.01 -4.04
CA ARG A 249 -9.29 -1.04 -4.96
C ARG A 249 -10.29 -0.51 -6.00
N CYS A 250 -10.92 0.62 -5.71
CA CYS A 250 -11.77 1.31 -6.70
C CYS A 250 -11.98 2.76 -6.30
N GLY A 251 -12.51 3.55 -7.23
CA GLY A 251 -12.65 4.97 -7.02
C GLY A 251 -13.99 5.44 -7.48
N ILE A 252 -14.56 6.41 -6.77
CA ILE A 252 -15.75 7.09 -7.25
C ILE A 252 -15.50 8.58 -7.30
N ALA A 253 -15.63 9.14 -8.50
CA ALA A 253 -15.37 10.56 -8.68
C ALA A 253 -16.68 11.28 -8.87
N LEU A 254 -16.99 12.18 -7.94
CA LEU A 254 -18.24 12.93 -7.97
C LEU A 254 -18.03 14.26 -8.67
N ASP A 255 -18.59 14.38 -9.86
CA ASP A 255 -18.46 15.59 -10.67
C ASP A 255 -17.00 16.05 -10.72
N ALA A 256 -16.12 15.16 -11.18
CA ALA A 256 -14.70 15.45 -11.19
C ALA A 256 -14.37 16.68 -12.04
N TRP A 257 -13.44 17.49 -11.52
CA TRP A 257 -12.81 18.57 -12.25
C TRP A 257 -11.44 18.09 -12.72
N MET A 258 -11.32 17.81 -14.02
CA MET A 258 -10.20 17.05 -14.54
C MET A 258 -8.95 17.87 -14.87
N PHE A 259 -9.11 19.19 -14.94
CA PHE A 259 -8.02 20.10 -15.30
C PHE A 259 -6.67 19.84 -14.60
N PRO A 260 -6.67 19.60 -13.26
CA PRO A 260 -5.34 19.47 -12.62
C PRO A 260 -4.50 18.27 -13.08
N LEU A 261 -5.13 17.27 -13.69
CA LEU A 261 -4.45 15.99 -13.96
C LEU A 261 -3.48 16.11 -15.12
N GLY A 262 -2.33 15.45 -14.99
CA GLY A 262 -1.38 15.36 -16.08
C GLY A 262 -1.76 14.25 -17.04
N ASP A 263 -1.28 14.35 -18.27
CA ASP A 263 -1.62 13.40 -19.33
C ASP A 263 -1.19 11.97 -19.01
N GLU A 264 -0.15 11.83 -18.20
CA GLU A 264 0.40 10.51 -17.91
C GLU A 264 -0.54 9.64 -17.09
N VAL A 265 -1.48 10.25 -16.37
CA VAL A 265 -2.30 9.49 -15.44
C VAL A 265 -3.30 8.54 -16.13
N TYR A 266 -3.78 8.90 -17.32
CA TYR A 266 -4.92 8.20 -17.90
C TYR A 266 -4.65 6.74 -18.24
N SER A 267 -3.40 6.42 -18.58
CA SER A 267 -3.05 5.04 -18.90
C SER A 267 -2.72 4.21 -17.65
N ARG A 268 -2.64 4.85 -16.48
CA ARG A 268 -2.06 4.21 -15.29
C ARG A 268 -3.03 3.74 -14.20
N ILE A 269 -4.31 3.63 -14.51
CA ILE A 269 -5.31 3.30 -13.51
C ILE A 269 -5.96 1.96 -13.76
N PRO A 270 -5.43 0.89 -13.14
CA PRO A 270 -6.02 -0.43 -13.34
C PRO A 270 -7.36 -0.62 -12.61
N GLN A 271 -7.60 0.10 -11.51
CA GLN A 271 -8.82 -0.11 -10.71
C GLN A 271 -10.10 0.38 -11.37
N PRO A 272 -11.25 -0.22 -11.03
CA PRO A 272 -12.58 0.27 -11.45
C PRO A 272 -12.80 1.71 -11.02
N LEU A 273 -13.47 2.49 -11.87
CA LEU A 273 -13.64 3.91 -11.65
C LEU A 273 -15.07 4.27 -12.03
N PHE A 274 -15.74 4.98 -11.13
CA PHE A 274 -17.14 5.37 -11.36
C PHE A 274 -17.26 6.88 -11.37
N PHE A 275 -17.78 7.45 -12.47
CA PHE A 275 -18.01 8.88 -12.61
C PHE A 275 -19.49 9.18 -12.33
N ILE A 276 -19.76 9.97 -11.29
CA ILE A 276 -21.13 10.42 -11.05
C ILE A 276 -21.18 11.92 -11.21
N ASN A 277 -21.90 12.37 -12.23
CA ASN A 277 -21.87 13.78 -12.63
C ASN A 277 -23.17 14.52 -12.33
N SER A 278 -23.08 15.85 -12.23
CA SER A 278 -24.30 16.63 -12.16
C SER A 278 -24.66 17.02 -13.58
N GLU A 279 -25.93 17.28 -13.83
CA GLU A 279 -26.35 17.62 -15.19
C GLU A 279 -25.82 19.01 -15.58
N TYR A 280 -25.75 19.92 -14.62
CA TYR A 280 -25.55 21.33 -14.96
C TYR A 280 -24.11 21.84 -14.82
N PHE A 281 -23.19 21.00 -14.34
CA PHE A 281 -21.80 21.43 -14.21
C PHE A 281 -20.89 21.07 -15.39
N GLN A 282 -21.15 19.92 -16.02
CA GLN A 282 -20.17 19.37 -16.96
C GLN A 282 -20.10 20.12 -18.29
N TYR A 283 -18.95 20.01 -18.95
CA TYR A 283 -18.67 20.68 -20.20
C TYR A 283 -17.70 19.82 -21.01
N PRO A 284 -17.69 19.99 -22.34
CA PRO A 284 -16.89 19.09 -23.19
C PRO A 284 -15.40 18.96 -22.85
N ALA A 285 -14.73 20.06 -22.51
CA ALA A 285 -13.29 19.97 -22.26
C ALA A 285 -12.99 19.13 -21.02
N ASN A 286 -13.97 19.05 -20.13
CA ASN A 286 -13.82 18.24 -18.92
C ASN A 286 -14.20 16.77 -19.18
N ILE A 287 -15.34 16.57 -19.84
CA ILE A 287 -15.81 15.24 -20.24
C ILE A 287 -14.82 14.46 -21.11
N ILE A 288 -14.14 15.14 -22.02
CA ILE A 288 -13.21 14.45 -22.90
C ILE A 288 -12.08 13.81 -22.10
N LYS A 289 -11.71 14.43 -20.97
CA LYS A 289 -10.65 13.83 -20.15
C LYS A 289 -11.19 12.62 -19.39
N MET A 290 -12.47 12.64 -19.02
CA MET A 290 -13.09 11.43 -18.44
C MET A 290 -13.07 10.29 -19.44
N LYS A 291 -13.41 10.59 -20.68
CA LYS A 291 -13.46 9.58 -21.72
C LYS A 291 -12.06 8.98 -21.99
N LYS A 292 -11.01 9.73 -21.71
CA LYS A 292 -9.64 9.24 -21.91
C LYS A 292 -9.28 8.14 -20.90
N CYS A 293 -10.05 8.02 -19.83
CA CYS A 293 -9.84 6.95 -18.85
C CYS A 293 -10.41 5.59 -19.30
N TYR A 294 -11.26 5.62 -20.33
CA TYR A 294 -11.95 4.41 -20.81
C TYR A 294 -11.02 3.52 -21.65
N SER A 295 -11.23 2.23 -21.52
CA SER A 295 -10.39 1.21 -22.16
C SER A 295 -11.09 -0.14 -21.98
N PRO A 296 -11.11 -0.99 -23.01
CA PRO A 296 -11.90 -2.22 -22.92
C PRO A 296 -11.40 -3.16 -21.82
N ASP A 297 -10.13 -3.03 -21.41
CA ASP A 297 -9.59 -3.83 -20.32
C ASP A 297 -9.91 -3.29 -18.93
N LYS A 298 -10.66 -2.19 -18.85
CA LYS A 298 -10.94 -1.56 -17.57
C LYS A 298 -12.41 -1.27 -17.35
N GLU A 299 -12.84 -1.27 -16.09
CA GLU A 299 -14.22 -0.94 -15.78
C GLU A 299 -14.36 0.55 -15.49
N ARG A 300 -15.12 1.23 -16.34
CA ARG A 300 -15.46 2.62 -16.11
C ARG A 300 -16.95 2.78 -16.33
N LYS A 301 -17.62 3.40 -15.37
CA LYS A 301 -19.03 3.70 -15.50
C LYS A 301 -19.24 5.19 -15.31
N MET A 302 -20.32 5.70 -15.91
CA MET A 302 -20.67 7.09 -15.82
C MET A 302 -22.18 7.25 -15.81
N ILE A 303 -22.65 8.07 -14.89
CA ILE A 303 -24.05 8.46 -14.83
C ILE A 303 -24.11 9.94 -14.54
N THR A 304 -25.23 10.53 -14.93
CA THR A 304 -25.47 11.94 -14.72
C THR A 304 -26.81 12.10 -14.00
N ILE A 305 -26.81 12.87 -12.91
CA ILE A 305 -28.02 13.04 -12.14
C ILE A 305 -28.81 14.18 -12.76
N ARG A 306 -30.02 13.88 -13.22
CA ARG A 306 -30.88 14.85 -13.89
C ARG A 306 -31.24 16.03 -12.97
N GLY A 307 -31.04 17.24 -13.46
CA GLY A 307 -31.49 18.43 -12.76
C GLY A 307 -30.60 18.89 -11.61
N SER A 308 -29.44 18.25 -11.46
CA SER A 308 -28.52 18.60 -10.38
C SER A 308 -27.45 19.62 -10.80
N VAL A 309 -26.95 20.37 -9.81
CA VAL A 309 -25.86 21.30 -9.99
C VAL A 309 -24.64 20.78 -9.22
N HIS A 310 -23.51 21.42 -9.42
CA HIS A 310 -22.25 21.00 -8.78
C HIS A 310 -22.37 20.82 -7.27
N GLN A 311 -23.15 21.71 -6.66
CA GLN A 311 -23.23 21.79 -5.21
C GLN A 311 -24.13 20.74 -4.58
N ASN A 312 -24.84 19.96 -5.40
CA ASN A 312 -25.70 18.91 -4.85
C ASN A 312 -24.92 17.84 -4.10
N PHE A 313 -23.62 17.73 -4.38
CA PHE A 313 -22.82 16.71 -3.70
C PHE A 313 -22.29 17.16 -2.34
N ALA A 314 -22.35 18.47 -2.08
CA ALA A 314 -21.82 19.03 -0.83
C ALA A 314 -22.93 19.50 0.10
N ASP A 315 -22.59 19.62 1.38
CA ASP A 315 -23.60 19.84 2.42
C ASP A 315 -24.35 21.18 2.36
N PHE A 316 -23.81 22.18 1.66
CA PHE A 316 -24.52 23.47 1.62
C PHE A 316 -25.81 23.38 0.81
N THR A 317 -25.96 22.33 0.02
CA THR A 317 -27.21 22.09 -0.69
C THR A 317 -28.37 21.86 0.29
N PHE A 318 -28.04 21.58 1.56
CA PHE A 318 -29.04 21.37 2.61
C PHE A 318 -29.17 22.53 3.60
N ALA A 319 -28.37 23.59 3.42
CA ALA A 319 -28.24 24.63 4.43
C ALA A 319 -29.24 25.78 4.28
N THR A 320 -29.94 25.86 3.15
CA THR A 320 -30.89 26.94 2.92
C THR A 320 -32.24 26.43 2.45
N GLY A 321 -33.19 27.35 2.29
CA GLY A 321 -34.50 27.02 1.77
C GLY A 321 -34.45 26.88 0.27
N LYS A 322 -35.51 26.31 -0.30
CA LYS A 322 -35.53 25.98 -1.73
C LYS A 322 -35.28 27.18 -2.63
N ILE A 323 -35.87 28.32 -2.31
CA ILE A 323 -35.81 29.47 -3.22
C ILE A 323 -34.43 30.14 -3.18
N ILE A 324 -33.97 30.45 -1.98
CA ILE A 324 -32.62 30.95 -1.77
C ILE A 324 -31.58 29.99 -2.36
N GLY A 325 -31.79 28.70 -2.18
CA GLY A 325 -30.86 27.69 -2.65
C GLY A 325 -30.70 27.70 -4.15
N HIS A 326 -31.82 27.83 -4.85
CA HIS A 326 -31.79 27.84 -6.31
C HIS A 326 -31.07 29.07 -6.82
N MET A 327 -31.33 30.20 -6.19
CA MET A 327 -30.74 31.46 -6.61
C MET A 327 -29.24 31.46 -6.42
N LEU A 328 -28.77 30.79 -5.37
CA LEU A 328 -27.34 30.76 -5.07
C LEU A 328 -26.65 29.55 -5.70
N LYS A 329 -27.39 28.78 -6.50
CA LYS A 329 -26.87 27.59 -7.18
C LYS A 329 -26.37 26.54 -6.19
N LEU A 330 -26.96 26.54 -5.00
CA LEU A 330 -26.72 25.51 -4.01
C LEU A 330 -27.65 24.31 -4.22
N LYS A 331 -28.76 24.55 -4.92
CA LYS A 331 -29.76 23.52 -5.21
C LYS A 331 -30.02 23.48 -6.71
N GLY A 332 -30.36 22.31 -7.24
CA GLY A 332 -30.70 22.19 -8.65
C GLY A 332 -32.22 22.22 -8.85
N ASP A 333 -32.70 21.73 -9.99
CA ASP A 333 -34.14 21.53 -10.17
C ASP A 333 -34.62 20.33 -9.35
N ILE A 334 -33.73 19.37 -9.16
CA ILE A 334 -34.04 18.15 -8.43
C ILE A 334 -34.01 18.44 -6.93
N ASP A 335 -34.82 17.71 -6.17
CA ASP A 335 -34.79 17.82 -4.71
C ASP A 335 -33.42 17.34 -4.17
N SER A 336 -32.83 18.10 -3.25
CA SER A 336 -31.46 17.77 -2.78
C SER A 336 -31.37 16.40 -2.14
N ASN A 337 -32.41 16.00 -1.41
CA ASN A 337 -32.40 14.68 -0.81
C ASN A 337 -32.53 13.58 -1.84
N VAL A 338 -33.27 13.85 -2.92
CA VAL A 338 -33.45 12.86 -3.97
C VAL A 338 -32.11 12.65 -4.69
N ALA A 339 -31.44 13.75 -5.01
CA ALA A 339 -30.16 13.69 -5.69
C ALA A 339 -29.09 12.97 -4.86
N ILE A 340 -29.03 13.25 -3.56
CA ILE A 340 -27.95 12.65 -2.76
C ILE A 340 -28.27 11.17 -2.51
N ASP A 341 -29.55 10.81 -2.44
CA ASP A 341 -29.93 9.40 -2.34
C ASP A 341 -29.48 8.63 -3.59
N LEU A 342 -29.61 9.23 -4.77
CA LEU A 342 -29.22 8.54 -6.00
C LEU A 342 -27.71 8.33 -6.04
N SER A 343 -26.95 9.38 -5.71
CA SER A 343 -25.49 9.31 -5.68
C SER A 343 -25.02 8.26 -4.69
N ASN A 344 -25.59 8.30 -3.49
CA ASN A 344 -25.22 7.39 -2.42
C ASN A 344 -25.60 5.95 -2.73
N LYS A 345 -26.79 5.74 -3.28
CA LYS A 345 -27.21 4.37 -3.63
C LYS A 345 -26.39 3.80 -4.79
N ALA A 346 -26.15 4.61 -5.82
CA ALA A 346 -25.31 4.16 -6.93
C ALA A 346 -23.90 3.83 -6.44
N SER A 347 -23.40 4.67 -5.53
CA SER A 347 -22.08 4.50 -4.94
C SER A 347 -22.00 3.17 -4.18
N LEU A 348 -23.01 2.92 -3.34
CA LEU A 348 -23.04 1.70 -2.54
C LEU A 348 -23.04 0.45 -3.44
N ALA A 349 -23.81 0.50 -4.52
CA ALA A 349 -23.84 -0.62 -5.48
C ALA A 349 -22.48 -0.83 -6.11
N PHE A 350 -21.83 0.26 -6.49
CA PHE A 350 -20.52 0.16 -7.13
C PHE A 350 -19.48 -0.42 -6.17
N LEU A 351 -19.51 0.06 -4.92
CA LEU A 351 -18.62 -0.41 -3.86
C LEU A 351 -18.84 -1.88 -3.57
N GLN A 352 -20.10 -2.31 -3.53
CA GLN A 352 -20.38 -3.72 -3.25
C GLN A 352 -19.79 -4.57 -4.37
N LYS A 353 -20.01 -4.15 -5.61
CA LYS A 353 -19.52 -4.86 -6.77
C LYS A 353 -18.00 -4.99 -6.81
N HIS A 354 -17.29 -3.89 -6.54
CA HIS A 354 -15.85 -3.90 -6.76
C HIS A 354 -15.05 -4.06 -5.48
N LEU A 355 -15.71 -4.03 -4.32
CA LEU A 355 -15.01 -4.38 -3.09
C LEU A 355 -15.38 -5.80 -2.64
N GLY A 356 -16.40 -6.38 -3.27
CA GLY A 356 -16.83 -7.72 -2.92
C GLY A 356 -17.54 -7.78 -1.58
N LEU A 357 -18.46 -6.85 -1.34
CA LEU A 357 -19.18 -6.82 -0.08
C LEU A 357 -20.34 -7.81 -0.11
N HIS A 358 -20.71 -8.32 1.06
CA HIS A 358 -21.85 -9.22 1.16
C HIS A 358 -23.00 -8.51 1.83
N LYS A 359 -23.46 -7.43 1.18
CA LYS A 359 -24.63 -6.74 1.66
C LYS A 359 -25.69 -6.83 0.56
N ASP A 360 -26.75 -6.05 0.71
CA ASP A 360 -27.82 -6.05 -0.29
C ASP A 360 -27.75 -4.81 -1.18
N PHE A 361 -26.56 -4.23 -1.35
CA PHE A 361 -26.44 -3.00 -2.13
C PHE A 361 -26.66 -3.26 -3.62
N ASP A 362 -26.55 -4.52 -4.03
CA ASP A 362 -26.73 -4.84 -5.44
C ASP A 362 -28.18 -4.63 -5.90
N GLN A 363 -29.09 -4.38 -4.96
CA GLN A 363 -30.44 -3.97 -5.29
C GLN A 363 -30.44 -2.67 -6.09
N TRP A 364 -29.35 -1.90 -6.00
CA TRP A 364 -29.28 -0.63 -6.71
C TRP A 364 -28.35 -0.70 -7.93
N ASP A 365 -28.02 -1.92 -8.35
CA ASP A 365 -27.19 -2.15 -9.54
C ASP A 365 -27.70 -1.40 -10.77
N CYS A 366 -29.02 -1.23 -10.87
CA CYS A 366 -29.60 -0.54 -12.01
C CYS A 366 -29.18 0.94 -12.05
N LEU A 367 -28.89 1.52 -10.88
CA LEU A 367 -28.48 2.92 -10.84
C LEU A 367 -27.10 3.14 -11.47
N ILE A 368 -26.23 2.13 -11.37
CA ILE A 368 -24.91 2.21 -12.01
C ILE A 368 -25.09 2.33 -13.53
N GLU A 369 -26.19 1.77 -14.02
CA GLU A 369 -26.48 1.81 -15.45
C GLU A 369 -27.28 3.05 -15.83
N GLY A 370 -27.57 3.91 -14.88
CA GLY A 370 -28.31 5.13 -15.17
C GLY A 370 -29.79 4.89 -15.43
N ASP A 371 -30.28 3.72 -14.99
CA ASP A 371 -31.67 3.33 -15.21
C ASP A 371 -32.60 3.81 -14.10
N ASP A 372 -33.02 5.06 -14.19
CA ASP A 372 -33.89 5.68 -13.21
C ASP A 372 -34.40 6.95 -13.86
N GLU A 373 -35.59 7.40 -13.46
CA GLU A 373 -36.22 8.57 -14.04
C GLU A 373 -35.34 9.81 -13.86
N ASN A 374 -34.53 9.80 -12.81
CA ASN A 374 -33.71 10.96 -12.46
C ASN A 374 -32.24 10.76 -12.81
N LEU A 375 -31.95 9.74 -13.61
CA LEU A 375 -30.58 9.51 -14.08
C LEU A 375 -30.49 9.46 -15.61
N ILE A 376 -29.34 9.90 -16.09
CA ILE A 376 -28.91 9.75 -17.46
C ILE A 376 -27.75 8.75 -17.45
N PRO A 377 -27.85 7.65 -18.23
CA PRO A 377 -26.66 6.86 -18.47
C PRO A 377 -25.62 7.68 -19.23
N GLY A 378 -24.35 7.54 -18.85
CA GLY A 378 -23.30 8.34 -19.45
C GLY A 378 -23.43 9.82 -19.16
N THR A 379 -23.39 10.63 -20.20
CA THR A 379 -23.42 12.09 -20.05
C THR A 379 -24.25 12.75 -21.14
N ASN A 380 -24.86 13.89 -20.82
CA ASN A 380 -25.57 14.68 -21.82
C ASN A 380 -24.59 15.29 -22.83
N ILE A 381 -23.31 15.35 -22.44
CA ILE A 381 -22.27 15.96 -23.27
C ILE A 381 -21.80 14.98 -24.34
N ASN A 382 -21.83 15.41 -25.59
CA ASN A 382 -21.41 14.55 -26.70
C ASN A 382 -20.08 15.00 -27.32
N LYS B 14 28.21 -23.53 -9.96
CA LYS B 14 27.31 -24.66 -10.12
C LYS B 14 25.89 -24.30 -9.67
N ILE B 15 25.64 -22.99 -9.57
CA ILE B 15 24.28 -22.50 -9.34
C ILE B 15 23.44 -22.71 -10.60
N PRO B 16 22.27 -23.38 -10.48
CA PRO B 16 21.53 -23.76 -11.69
C PRO B 16 20.95 -22.57 -12.45
N ARG B 17 20.96 -22.65 -13.78
CA ARG B 17 20.31 -21.66 -14.64
C ARG B 17 18.79 -21.68 -14.40
N GLY B 18 18.14 -20.58 -14.77
CA GLY B 18 16.68 -20.52 -14.68
C GLY B 18 16.05 -21.57 -15.57
N ASN B 19 14.93 -22.16 -15.13
CA ASN B 19 14.27 -23.19 -15.90
C ASN B 19 13.19 -22.62 -16.80
N GLY B 20 12.94 -21.32 -16.66
CA GLY B 20 11.94 -20.66 -17.48
C GLY B 20 12.45 -20.22 -18.85
N PRO B 21 11.53 -19.71 -19.68
CA PRO B 21 11.78 -19.30 -21.07
C PRO B 21 12.55 -17.98 -21.23
N TYR B 22 12.46 -17.08 -20.25
CA TYR B 22 13.16 -15.80 -20.35
C TYR B 22 14.65 -15.93 -20.04
N SER B 23 15.49 -15.17 -20.75
CA SER B 23 16.88 -15.03 -20.33
C SER B 23 16.91 -14.02 -19.17
N VAL B 24 17.95 -14.09 -18.36
CA VAL B 24 17.99 -13.34 -17.11
C VAL B 24 19.16 -12.39 -17.00
N GLY B 25 18.85 -11.13 -16.68
CA GLY B 25 19.86 -10.14 -16.40
C GLY B 25 19.97 -9.87 -14.91
N CYS B 26 21.05 -9.22 -14.50
CA CYS B 26 21.25 -8.88 -13.11
C CYS B 26 22.00 -7.56 -12.96
N THR B 27 21.58 -6.72 -12.03
CA THR B 27 22.33 -5.52 -11.69
C THR B 27 22.14 -5.22 -10.20
N ASP B 28 22.84 -4.20 -9.71
CA ASP B 28 22.72 -3.76 -8.32
C ASP B 28 22.27 -2.32 -8.29
N LEU B 29 21.46 -1.98 -7.28
CA LEU B 29 21.00 -0.62 -7.11
C LEU B 29 21.14 -0.17 -5.66
N MET B 30 21.80 0.96 -5.43
CA MET B 30 21.84 1.58 -4.12
C MET B 30 21.34 3.02 -4.22
N PHE B 31 20.25 3.32 -3.52
CA PHE B 31 19.71 4.67 -3.51
C PHE B 31 18.84 4.88 -2.28
N ASP B 32 19.09 5.94 -1.51
CA ASP B 32 20.28 6.79 -1.69
C ASP B 32 21.56 6.11 -1.19
N HIS B 33 22.64 6.87 -1.03
CA HIS B 33 23.95 6.32 -0.72
C HIS B 33 24.19 6.01 0.77
N THR B 34 23.26 6.40 1.64
CA THR B 34 23.44 6.21 3.08
C THR B 34 22.94 4.85 3.54
N ASN B 35 23.15 4.51 4.82
CA ASN B 35 22.68 3.21 5.30
C ASN B 35 21.19 3.26 5.65
N LYS B 36 20.56 4.40 5.35
CA LYS B 36 19.10 4.56 5.43
C LYS B 36 18.44 4.39 4.07
N GLY B 37 19.26 4.35 3.02
CA GLY B 37 18.75 4.12 1.69
C GLY B 37 18.50 2.65 1.41
N THR B 38 18.10 2.37 0.18
CA THR B 38 17.82 1.02 -0.27
C THR B 38 19.02 0.44 -1.00
N PHE B 39 19.35 -0.81 -0.69
CA PHE B 39 20.41 -1.53 -1.40
C PHE B 39 19.79 -2.85 -1.88
N LEU B 40 19.81 -3.09 -3.19
CA LEU B 40 19.23 -4.33 -3.69
C LEU B 40 19.95 -4.88 -4.91
N ARG B 41 19.85 -6.20 -5.06
CA ARG B 41 20.28 -6.84 -6.30
C ARG B 41 19.01 -7.19 -7.08
N LEU B 42 19.00 -6.80 -8.35
CA LEU B 42 17.85 -7.00 -9.21
C LEU B 42 18.08 -8.15 -10.19
N TYR B 43 17.12 -9.08 -10.25
CA TYR B 43 17.08 -10.11 -11.29
C TYR B 43 15.85 -9.83 -12.15
N TYR B 44 16.00 -9.97 -13.46
CA TYR B 44 14.96 -9.52 -14.36
C TYR B 44 15.07 -10.21 -15.73
N PRO B 45 13.94 -10.33 -16.44
CA PRO B 45 13.97 -10.84 -17.81
C PRO B 45 14.77 -9.89 -18.71
N SER B 46 15.81 -10.40 -19.35
CA SER B 46 16.69 -9.55 -20.16
C SER B 46 16.51 -9.75 -21.67
N GLN B 47 17.06 -8.82 -22.44
CA GLN B 47 17.07 -8.93 -23.89
C GLN B 47 18.09 -9.96 -24.34
N ARG B 51 26.15 -13.68 -22.11
CA ARG B 51 27.17 -14.01 -21.10
C ARG B 51 26.53 -14.23 -19.73
N LEU B 52 26.89 -15.33 -19.07
CA LEU B 52 26.40 -15.61 -17.72
C LEU B 52 27.47 -15.21 -16.69
N ASP B 53 27.70 -13.91 -16.57
CA ASP B 53 28.94 -13.40 -15.97
C ASP B 53 28.80 -12.62 -14.67
N THR B 54 27.74 -12.86 -13.91
CA THR B 54 27.55 -12.13 -12.66
C THR B 54 28.39 -12.70 -11.53
N LEU B 55 29.20 -11.85 -10.89
CA LEU B 55 29.96 -12.25 -9.71
C LEU B 55 29.04 -12.57 -8.53
N TRP B 56 29.17 -13.77 -8.00
CA TRP B 56 28.29 -14.27 -6.94
C TRP B 56 28.47 -13.49 -5.62
N ILE B 57 29.69 -13.45 -5.11
CA ILE B 57 29.99 -12.70 -3.90
C ILE B 57 31.07 -11.67 -4.24
N PRO B 58 30.66 -10.41 -4.43
CA PRO B 58 31.47 -9.41 -5.15
C PRO B 58 32.52 -8.66 -4.34
N ASN B 59 32.58 -8.81 -3.02
CA ASN B 59 33.59 -8.07 -2.25
C ASN B 59 34.21 -8.92 -1.15
N LYS B 60 35.49 -8.69 -0.88
CA LYS B 60 36.22 -9.45 0.13
C LYS B 60 35.58 -9.31 1.52
N GLU B 61 34.97 -8.16 1.79
CA GLU B 61 34.41 -7.93 3.12
C GLU B 61 33.24 -8.88 3.43
N TYR B 62 32.55 -9.34 2.39
CA TYR B 62 31.48 -10.32 2.59
C TYR B 62 32.04 -11.62 3.13
N PHE B 63 33.25 -11.98 2.70
CA PHE B 63 33.86 -13.20 3.19
C PHE B 63 34.34 -13.04 4.63
N TRP B 64 34.83 -11.85 4.96
CA TRP B 64 35.23 -11.57 6.33
C TRP B 64 34.02 -11.66 7.23
N GLY B 65 32.89 -11.14 6.75
CA GLY B 65 31.65 -11.14 7.50
C GLY B 65 31.13 -12.55 7.70
N LEU B 66 31.20 -13.36 6.65
CA LEU B 66 30.79 -14.76 6.76
C LEU B 66 31.64 -15.49 7.80
N SER B 67 32.93 -15.20 7.84
CA SER B 67 33.81 -15.81 8.84
C SER B 67 33.40 -15.43 10.26
N LYS B 68 33.09 -14.15 10.46
CA LYS B 68 32.62 -13.70 11.77
C LYS B 68 31.30 -14.38 12.15
N PHE B 69 30.38 -14.49 11.20
CA PHE B 69 29.10 -15.17 11.42
C PHE B 69 29.32 -16.61 11.86
N LEU B 70 30.29 -17.28 11.22
CA LEU B 70 30.61 -18.66 11.52
C LEU B 70 31.39 -18.81 12.82
N GLY B 71 31.83 -17.70 13.39
CA GLY B 71 32.58 -17.72 14.64
C GLY B 71 33.99 -18.26 14.49
N THR B 72 34.53 -18.17 13.28
CA THR B 72 35.87 -18.71 12.98
C THR B 72 36.87 -17.60 12.70
N LEU B 75 41.11 -15.18 9.31
CA LEU B 75 41.88 -15.95 8.33
C LEU B 75 41.02 -16.99 7.65
N MET B 76 39.98 -17.44 8.35
CA MET B 76 38.96 -18.26 7.72
C MET B 76 38.36 -17.48 6.56
N GLY B 77 38.22 -16.16 6.75
CA GLY B 77 37.69 -15.29 5.71
C GLY B 77 38.49 -15.33 4.41
N ASN B 78 39.81 -15.35 4.53
CA ASN B 78 40.65 -15.35 3.34
C ASN B 78 40.56 -16.68 2.61
N ILE B 79 40.30 -17.74 3.35
CA ILE B 79 40.15 -19.07 2.78
C ILE B 79 38.86 -19.18 1.97
N LEU B 80 37.76 -18.73 2.55
CA LEU B 80 36.49 -18.66 1.82
C LEU B 80 36.67 -17.84 0.54
N ARG B 81 37.39 -16.74 0.66
CA ARG B 81 37.60 -15.85 -0.46
C ARG B 81 38.32 -16.58 -1.60
N LEU B 82 39.36 -17.33 -1.27
CA LEU B 82 40.14 -18.03 -2.29
C LEU B 82 39.30 -19.10 -2.96
N LEU B 83 38.45 -19.75 -2.18
CA LEU B 83 37.58 -20.81 -2.68
C LEU B 83 36.42 -20.33 -3.56
N PHE B 84 35.80 -19.22 -3.19
CA PHE B 84 34.53 -18.83 -3.82
C PHE B 84 34.59 -17.44 -4.45
N GLY B 85 35.71 -16.76 -4.29
CA GLY B 85 35.84 -15.37 -4.70
C GLY B 85 35.63 -15.01 -6.15
N SER B 86 35.71 -15.99 -7.05
CA SER B 86 35.49 -15.69 -8.46
C SER B 86 34.38 -16.55 -9.03
N MET B 87 33.64 -17.21 -8.14
CA MET B 87 32.48 -17.95 -8.56
C MET B 87 31.41 -17.02 -9.12
N THR B 88 30.76 -17.45 -10.19
CA THR B 88 29.73 -16.67 -10.84
C THR B 88 28.35 -17.28 -10.63
N THR B 89 27.31 -16.54 -11.02
CA THR B 89 25.95 -17.04 -10.98
C THR B 89 25.31 -16.74 -12.34
N PRO B 90 24.47 -17.66 -12.86
CA PRO B 90 24.01 -17.58 -14.25
C PRO B 90 23.00 -16.49 -14.55
N ALA B 91 23.46 -15.24 -14.54
CA ALA B 91 22.67 -14.12 -15.05
C ALA B 91 23.58 -13.14 -15.79
N ASN B 92 23.01 -12.43 -16.74
CA ASN B 92 23.77 -11.53 -17.60
C ASN B 92 23.89 -10.15 -16.97
N TRP B 93 25.09 -9.83 -16.50
CA TRP B 93 25.33 -8.61 -15.72
C TRP B 93 25.08 -7.34 -16.54
N ASN B 94 24.16 -6.52 -16.04
CA ASN B 94 23.76 -5.25 -16.68
C ASN B 94 23.16 -5.41 -18.07
N SER B 95 22.72 -6.62 -18.42
CA SER B 95 22.04 -6.81 -19.69
C SER B 95 20.75 -5.97 -19.70
N PRO B 96 20.38 -5.43 -20.88
CA PRO B 96 19.16 -4.61 -20.95
C PRO B 96 17.90 -5.37 -20.55
N LEU B 97 16.91 -4.64 -20.05
CA LEU B 97 15.63 -5.23 -19.67
C LEU B 97 14.78 -5.59 -20.90
N ARG B 98 14.21 -6.78 -20.91
CA ARG B 98 13.32 -7.19 -22.00
C ARG B 98 12.09 -6.28 -22.02
N PRO B 99 11.97 -5.47 -23.10
CA PRO B 99 10.91 -4.46 -23.17
C PRO B 99 9.57 -5.02 -23.61
N GLY B 100 8.56 -4.15 -23.65
CA GLY B 100 7.27 -4.48 -24.24
C GLY B 100 6.27 -5.16 -23.33
N GLU B 101 6.54 -5.17 -22.03
CA GLU B 101 5.63 -5.82 -21.10
C GLU B 101 5.82 -5.35 -19.65
N LYS B 102 4.76 -5.51 -18.86
CA LYS B 102 4.82 -5.25 -17.42
C LYS B 102 5.04 -6.56 -16.65
N TYR B 103 5.95 -6.53 -15.70
CA TYR B 103 6.32 -7.75 -14.98
C TYR B 103 5.85 -7.69 -13.54
N PRO B 104 5.35 -8.82 -13.02
CA PRO B 104 5.09 -8.91 -11.58
C PRO B 104 6.40 -8.75 -10.78
N LEU B 105 6.28 -8.30 -9.53
CA LEU B 105 7.45 -7.99 -8.72
C LEU B 105 7.49 -8.78 -7.42
N VAL B 106 8.63 -9.40 -7.17
CA VAL B 106 8.95 -10.04 -5.91
C VAL B 106 10.04 -9.27 -5.18
N VAL B 107 9.76 -8.90 -3.93
CA VAL B 107 10.81 -8.40 -3.06
C VAL B 107 11.29 -9.58 -2.22
N PHE B 108 12.60 -9.83 -2.18
CA PHE B 108 13.14 -10.99 -1.48
C PHE B 108 14.02 -10.62 -0.29
N SER B 109 13.81 -11.28 0.85
CA SER B 109 14.54 -10.95 2.07
C SER B 109 15.47 -12.12 2.50
N HIS B 110 16.75 -11.83 2.68
CA HIS B 110 17.73 -12.87 3.06
C HIS B 110 17.73 -13.24 4.55
N GLY B 111 18.40 -14.34 4.89
CA GLY B 111 18.44 -14.81 6.27
C GLY B 111 19.52 -14.16 7.12
N LEU B 112 19.59 -14.56 8.39
CA LEU B 112 20.60 -14.07 9.32
C LEU B 112 21.96 -14.53 8.83
N GLY B 113 22.89 -13.59 8.69
CA GLY B 113 24.24 -13.90 8.27
C GLY B 113 24.40 -13.95 6.77
N ALA B 114 23.30 -13.76 6.04
CA ALA B 114 23.39 -13.70 4.59
C ALA B 114 23.54 -12.25 4.12
N PHE B 115 23.24 -12.05 2.85
CA PHE B 115 23.21 -10.74 2.21
C PHE B 115 22.54 -10.93 0.85
N ARG B 116 22.46 -9.87 0.05
CA ARG B 116 21.57 -9.85 -1.12
C ARG B 116 21.86 -10.87 -2.24
N THR B 117 23.09 -11.38 -2.33
CA THR B 117 23.49 -12.20 -3.48
C THR B 117 23.36 -13.71 -3.31
N LEU B 118 22.99 -14.15 -2.11
CA LEU B 118 23.11 -15.57 -1.77
C LEU B 118 21.87 -16.38 -2.12
N TYR B 119 20.87 -15.75 -2.73
CA TYR B 119 19.68 -16.49 -3.09
C TYR B 119 19.38 -16.38 -4.58
N SER B 120 20.42 -16.47 -5.39
CA SER B 120 20.29 -16.22 -6.81
C SER B 120 19.65 -17.40 -7.51
N ALA B 121 19.79 -18.59 -6.94
CA ALA B 121 19.13 -19.75 -7.52
C ALA B 121 17.62 -19.50 -7.61
N ILE B 122 17.05 -18.94 -6.53
CA ILE B 122 15.64 -18.59 -6.49
C ILE B 122 15.34 -17.38 -7.36
N GLY B 123 16.10 -16.30 -7.16
CA GLY B 123 15.89 -15.06 -7.90
C GLY B 123 15.98 -15.26 -9.41
N ILE B 124 17.00 -15.99 -9.85
CA ILE B 124 17.19 -16.25 -11.28
C ILE B 124 16.08 -17.14 -11.83
N ASP B 125 15.60 -18.12 -11.06
CA ASP B 125 14.51 -18.94 -11.58
C ASP B 125 13.18 -18.17 -11.71
N LEU B 126 12.85 -17.35 -10.72
CA LEU B 126 11.65 -16.50 -10.81
C LEU B 126 11.77 -15.51 -11.98
N ALA B 127 12.95 -14.91 -12.13
CA ALA B 127 13.21 -14.01 -13.25
C ALA B 127 13.01 -14.72 -14.59
N SER B 128 13.54 -15.93 -14.70
CA SER B 128 13.44 -16.70 -15.94
C SER B 128 11.98 -17.05 -16.29
N HIS B 129 11.09 -16.93 -15.31
CA HIS B 129 9.67 -17.12 -15.55
C HIS B 129 8.91 -15.81 -15.71
N GLY B 130 9.63 -14.69 -15.82
CA GLY B 130 9.00 -13.42 -16.09
C GLY B 130 8.71 -12.51 -14.91
N PHE B 131 9.43 -12.71 -13.81
CA PHE B 131 9.33 -11.79 -12.67
C PHE B 131 10.50 -10.84 -12.66
N ILE B 132 10.29 -9.65 -12.11
CA ILE B 132 11.42 -8.85 -11.64
C ILE B 132 11.59 -9.15 -10.15
N VAL B 133 12.80 -9.51 -9.74
CA VAL B 133 13.07 -9.82 -8.34
C VAL B 133 14.04 -8.81 -7.69
N ALA B 134 13.57 -8.13 -6.65
CA ALA B 134 14.41 -7.21 -5.91
C ALA B 134 14.91 -7.88 -4.64
N ALA B 135 16.16 -8.34 -4.67
CA ALA B 135 16.78 -8.96 -3.48
C ALA B 135 17.45 -7.88 -2.62
N VAL B 136 16.81 -7.55 -1.49
CA VAL B 136 17.32 -6.45 -0.67
C VAL B 136 18.51 -6.88 0.16
N GLU B 137 19.36 -5.93 0.48
CA GLU B 137 20.40 -6.18 1.46
C GLU B 137 20.02 -5.40 2.71
N HIS B 138 19.80 -6.10 3.82
CA HIS B 138 19.35 -5.43 5.02
C HIS B 138 20.49 -4.73 5.76
N ARG B 139 20.17 -3.59 6.37
CA ARG B 139 21.13 -2.79 7.14
C ARG B 139 20.83 -2.85 8.63
N ASP B 140 20.04 -3.85 9.02
CA ASP B 140 19.63 -4.03 10.41
C ASP B 140 20.71 -4.71 11.25
N ARG B 141 21.87 -4.92 10.65
CA ARG B 141 23.01 -5.61 11.25
C ARG B 141 22.75 -7.12 11.39
N SER B 142 21.81 -7.63 10.59
CA SER B 142 21.61 -9.08 10.43
C SER B 142 22.43 -9.63 9.28
N ALA B 143 22.88 -8.78 8.37
CA ALA B 143 23.69 -9.25 7.24
C ALA B 143 25.10 -9.58 7.73
N SER B 144 25.72 -10.63 7.22
CA SER B 144 27.14 -10.90 7.56
C SER B 144 27.97 -9.64 7.35
N ALA B 145 27.72 -9.00 6.23
CA ALA B 145 28.28 -7.70 5.95
C ALA B 145 27.37 -6.97 4.99
N THR B 146 27.42 -5.65 5.05
CA THR B 146 26.88 -4.79 3.99
C THR B 146 27.64 -3.48 4.03
N TYR B 147 27.45 -2.62 3.04
CA TYR B 147 28.12 -1.32 3.05
C TYR B 147 27.22 -0.19 2.64
N TYR B 148 27.71 1.03 2.86
CA TYR B 148 27.06 2.26 2.46
C TYR B 148 28.17 3.30 2.29
N PHE B 149 27.78 4.54 1.99
CA PHE B 149 28.74 5.62 1.86
C PHE B 149 28.39 6.74 2.84
N LYS B 150 29.39 7.32 3.48
CA LYS B 150 29.13 8.32 4.52
C LYS B 150 28.66 9.66 3.93
N ASP B 151 29.05 9.93 2.69
CA ASP B 151 28.57 11.11 1.98
C ASP B 151 28.73 10.91 0.48
N GLN B 152 28.24 11.85 -0.31
CA GLN B 152 28.32 11.73 -1.76
C GLN B 152 29.77 11.65 -2.26
N SER B 153 30.67 12.36 -1.58
CA SER B 153 32.08 12.34 -1.95
C SER B 153 32.68 10.95 -1.80
N ALA B 154 32.31 10.27 -0.73
CA ALA B 154 32.74 8.89 -0.51
C ALA B 154 32.21 8.00 -1.63
N ALA B 155 30.94 8.15 -1.99
CA ALA B 155 30.35 7.34 -3.05
C ALA B 155 31.07 7.56 -4.38
N GLU B 156 31.46 8.79 -4.66
CA GLU B 156 32.09 9.14 -5.94
C GLU B 156 33.43 8.43 -6.13
N ILE B 157 34.17 8.19 -5.06
CA ILE B 157 35.44 7.46 -5.17
C ILE B 157 35.36 6.05 -4.61
N GLY B 158 34.14 5.57 -4.38
CA GLY B 158 33.91 4.19 -3.98
C GLY B 158 34.53 3.86 -2.65
N ASP B 159 34.54 4.85 -1.76
CA ASP B 159 35.07 4.67 -0.42
C ASP B 159 33.98 4.09 0.48
N LYS B 160 33.86 2.77 0.50
CA LYS B 160 32.78 2.09 1.23
C LYS B 160 32.97 2.11 2.75
N SER B 161 31.86 2.19 3.49
CA SER B 161 31.87 1.97 4.92
C SER B 161 31.10 0.68 5.22
N TRP B 162 31.78 -0.26 5.86
CA TRP B 162 31.21 -1.59 6.04
C TRP B 162 30.60 -1.74 7.41
N LEU B 163 29.50 -2.48 7.45
CA LEU B 163 28.76 -2.77 8.66
C LEU B 163 28.66 -4.27 8.80
N TYR B 164 29.25 -4.81 9.87
CA TYR B 164 29.28 -6.24 10.05
C TYR B 164 28.17 -6.70 10.96
N LEU B 165 27.83 -7.97 10.87
CA LEU B 165 26.85 -8.59 11.74
C LEU B 165 27.08 -8.27 13.21
N ARG B 166 26.02 -7.91 13.91
CA ARG B 166 26.05 -7.75 15.36
C ARG B 166 25.79 -9.08 16.03
N THR B 167 26.65 -9.43 16.98
CA THR B 167 26.41 -10.60 17.83
C THR B 167 25.69 -10.15 19.09
N LEU B 168 24.73 -10.94 19.57
CA LEU B 168 23.88 -10.52 20.69
C LEU B 168 24.05 -11.37 21.96
N LYS B 169 23.94 -10.73 23.12
CA LYS B 169 23.81 -11.45 24.39
C LYS B 169 22.44 -12.10 24.45
N GLN B 170 22.33 -13.23 25.13
CA GLN B 170 21.07 -13.96 25.18
C GLN B 170 19.94 -13.11 25.78
N GLU B 171 20.30 -12.26 26.73
CA GLU B 171 19.35 -11.32 27.35
C GLU B 171 18.77 -10.32 26.34
N GLU B 172 19.53 -10.05 25.29
CA GLU B 172 19.16 -9.07 24.28
C GLU B 172 18.28 -9.61 23.17
N GLU B 173 18.34 -10.93 22.94
CA GLU B 173 17.84 -11.52 21.71
C GLU B 173 16.39 -11.16 21.40
N THR B 174 15.49 -11.43 22.34
CA THR B 174 14.07 -11.17 22.13
C THR B 174 13.81 -9.75 21.63
N HIS B 175 14.36 -8.78 22.34
CA HIS B 175 14.12 -7.39 22.01
C HIS B 175 14.76 -7.00 20.67
N ILE B 176 16.04 -7.29 20.54
CA ILE B 176 16.76 -6.81 19.38
C ILE B 176 16.27 -7.51 18.10
N ARG B 177 15.99 -8.82 18.17
CA ARG B 177 15.51 -9.51 16.97
C ARG B 177 14.19 -8.90 16.49
N ASN B 178 13.33 -8.50 17.42
CA ASN B 178 12.06 -7.91 16.99
C ASN B 178 12.24 -6.53 16.38
N GLU B 179 13.16 -5.74 16.94
CA GLU B 179 13.44 -4.43 16.34
C GLU B 179 14.06 -4.61 14.96
N GLN B 180 14.89 -5.64 14.82
CA GLN B 180 15.47 -5.96 13.52
C GLN B 180 14.41 -6.38 12.50
N VAL B 181 13.45 -7.22 12.89
CA VAL B 181 12.46 -7.65 11.89
C VAL B 181 11.57 -6.45 11.52
N ARG B 182 11.44 -5.47 12.40
CA ARG B 182 10.68 -4.27 12.05
C ARG B 182 11.47 -3.41 11.06
N GLN B 183 12.77 -3.31 11.27
CA GLN B 183 13.59 -2.56 10.31
C GLN B 183 13.59 -3.27 8.95
N ARG B 184 13.65 -4.60 8.96
CA ARG B 184 13.62 -5.37 7.71
C ARG B 184 12.35 -5.14 6.90
N ALA B 185 11.21 -5.09 7.59
CA ALA B 185 9.95 -4.88 6.94
C ALA B 185 9.93 -3.48 6.36
N LYS B 186 10.49 -2.52 7.08
CA LYS B 186 10.55 -1.15 6.57
C LYS B 186 11.44 -1.10 5.34
N GLU B 187 12.52 -1.88 5.33
CA GLU B 187 13.40 -1.96 4.18
C GLU B 187 12.74 -2.64 2.96
N CYS B 188 11.92 -3.67 3.19
CA CYS B 188 11.18 -4.24 2.05
C CYS B 188 10.16 -3.23 1.50
N SER B 189 9.48 -2.49 2.38
CA SER B 189 8.52 -1.48 1.93
C SER B 189 9.18 -0.32 1.19
N GLN B 190 10.35 0.11 1.68
CA GLN B 190 11.09 1.18 1.03
C GLN B 190 11.63 0.72 -0.33
N ALA B 191 12.08 -0.52 -0.39
CA ALA B 191 12.52 -1.10 -1.66
C ALA B 191 11.38 -1.06 -2.68
N LEU B 192 10.20 -1.49 -2.25
CA LEU B 192 9.04 -1.48 -3.12
C LEU B 192 8.68 -0.06 -3.56
N SER B 193 8.68 0.88 -2.62
CA SER B 193 8.33 2.26 -2.95
C SER B 193 9.32 2.83 -3.98
N LEU B 194 10.59 2.48 -3.83
CA LEU B 194 11.60 2.93 -4.78
C LEU B 194 11.33 2.40 -6.19
N ILE B 195 11.05 1.10 -6.26
CA ILE B 195 10.84 0.48 -7.56
C ILE B 195 9.56 1.01 -8.20
N LEU B 196 8.53 1.24 -7.39
CA LEU B 196 7.27 1.78 -7.90
C LEU B 196 7.45 3.23 -8.38
N ASP B 197 8.25 4.01 -7.64
CA ASP B 197 8.54 5.40 -8.02
C ASP B 197 9.30 5.45 -9.35
N ILE B 198 10.28 4.56 -9.48
CA ILE B 198 11.03 4.43 -10.73
C ILE B 198 10.09 4.05 -11.87
N ASP B 199 9.17 3.12 -11.59
CA ASP B 199 8.15 2.71 -12.57
C ASP B 199 7.36 3.89 -13.10
N HIS B 200 7.08 4.89 -12.25
CA HIS B 200 6.41 6.10 -12.72
C HIS B 200 7.35 7.27 -12.98
N GLY B 201 8.60 6.96 -13.29
CA GLY B 201 9.50 7.96 -13.84
C GLY B 201 10.40 8.76 -12.91
N LYS B 202 10.46 8.41 -11.63
CA LYS B 202 11.37 9.09 -10.71
C LYS B 202 12.82 8.91 -11.18
N PRO B 203 13.56 10.02 -11.26
CA PRO B 203 14.99 9.92 -11.59
C PRO B 203 15.78 9.47 -10.36
N VAL B 204 16.66 8.49 -10.54
CA VAL B 204 17.48 8.04 -9.43
C VAL B 204 18.93 8.02 -9.87
N LYS B 205 19.81 8.43 -8.97
CA LYS B 205 21.24 8.34 -9.22
C LYS B 205 21.78 7.19 -8.40
N ASN B 206 22.03 6.06 -9.08
CA ASN B 206 22.60 4.89 -8.46
C ASN B 206 23.95 5.21 -7.82
N ALA B 207 24.07 5.02 -6.50
CA ALA B 207 25.32 5.32 -5.82
C ALA B 207 26.45 4.43 -6.33
N LEU B 208 26.09 3.27 -6.86
CA LEU B 208 27.04 2.46 -7.60
C LEU B 208 27.01 2.97 -9.04
N ASP B 209 28.17 3.18 -9.63
CA ASP B 209 28.18 3.73 -10.99
C ASP B 209 28.22 2.56 -11.96
N LEU B 210 27.06 1.99 -12.25
CA LEU B 210 26.99 0.79 -13.08
C LEU B 210 26.35 1.10 -14.42
N LYS B 211 26.63 0.24 -15.40
CA LYS B 211 26.19 0.46 -16.77
C LYS B 211 24.82 -0.15 -17.03
N PHE B 212 23.86 0.16 -16.17
CA PHE B 212 22.47 -0.22 -16.37
C PHE B 212 21.64 1.01 -16.04
N ASP B 213 20.87 1.48 -17.01
CA ASP B 213 20.07 2.68 -16.80
C ASP B 213 18.74 2.31 -16.16
N MET B 214 18.52 2.81 -14.95
CA MET B 214 17.30 2.52 -14.20
C MET B 214 16.06 3.10 -14.87
N GLU B 215 16.26 4.01 -15.82
CA GLU B 215 15.13 4.55 -16.58
C GLU B 215 14.44 3.49 -17.43
N GLN B 216 15.14 2.39 -17.70
CA GLN B 216 14.56 1.22 -18.35
C GLN B 216 13.32 0.69 -17.63
N LEU B 217 13.28 0.87 -16.33
CA LEU B 217 12.22 0.28 -15.53
C LEU B 217 10.93 1.10 -15.57
N LYS B 218 10.94 2.25 -16.24
CA LYS B 218 9.72 3.04 -16.36
C LYS B 218 8.62 2.22 -17.04
N ASP B 219 7.43 2.24 -16.46
CA ASP B 219 6.27 1.50 -16.99
C ASP B 219 6.55 0.01 -17.24
N SER B 220 7.35 -0.62 -16.39
CA SER B 220 7.66 -2.05 -16.59
C SER B 220 7.19 -2.94 -15.44
N ILE B 221 6.58 -2.36 -14.42
CA ILE B 221 6.06 -3.11 -13.27
C ILE B 221 4.54 -3.25 -13.33
N ASP B 222 4.03 -4.47 -13.15
CA ASP B 222 2.60 -4.65 -12.90
C ASP B 222 2.33 -4.36 -11.44
N ARG B 223 1.88 -3.14 -11.17
CA ARG B 223 1.83 -2.62 -9.81
C ARG B 223 0.81 -3.32 -8.90
N GLU B 224 -0.02 -4.19 -9.48
CA GLU B 224 -1.02 -4.90 -8.68
C GLU B 224 -0.53 -6.30 -8.30
N LYS B 225 0.58 -6.73 -8.91
CA LYS B 225 1.07 -8.09 -8.73
C LYS B 225 2.43 -8.08 -8.00
N ILE B 226 2.35 -7.75 -6.72
CA ILE B 226 3.52 -7.61 -5.85
C ILE B 226 3.51 -8.68 -4.77
N ALA B 227 4.65 -9.37 -4.60
CA ALA B 227 4.79 -10.39 -3.56
C ALA B 227 6.09 -10.24 -2.77
N VAL B 228 6.11 -10.71 -1.53
CA VAL B 228 7.34 -10.68 -0.75
C VAL B 228 7.69 -12.13 -0.41
N ILE B 229 8.98 -12.48 -0.56
CA ILE B 229 9.45 -13.83 -0.31
C ILE B 229 10.73 -13.73 0.51
N GLY B 230 11.02 -14.73 1.34
CA GLY B 230 12.24 -14.65 2.12
C GLY B 230 12.53 -15.95 2.85
N HIS B 231 13.78 -16.11 3.25
CA HIS B 231 14.26 -17.34 3.89
C HIS B 231 14.69 -17.05 5.31
N SER B 232 14.24 -17.90 6.24
CA SER B 232 14.74 -17.90 7.61
C SER B 232 14.37 -16.58 8.31
N PHE B 233 15.36 -15.74 8.66
CA PHE B 233 15.04 -14.39 9.21
C PHE B 233 14.16 -13.68 8.15
N GLY B 234 14.47 -13.90 6.87
CA GLY B 234 13.67 -13.35 5.79
C GLY B 234 12.26 -13.87 5.74
N GLY B 235 12.03 -15.07 6.28
CA GLY B 235 10.68 -15.61 6.37
C GLY B 235 9.84 -14.89 7.41
N ALA B 236 10.45 -14.56 8.55
CA ALA B 236 9.75 -13.73 9.53
C ALA B 236 9.50 -12.34 8.92
N THR B 237 10.41 -11.91 8.08
CA THR B 237 10.31 -10.58 7.44
C THR B 237 9.11 -10.56 6.51
N VAL B 238 8.86 -11.67 5.82
CA VAL B 238 7.66 -11.81 4.98
C VAL B 238 6.42 -11.49 5.79
N ILE B 239 6.34 -12.07 6.98
CA ILE B 239 5.15 -11.91 7.81
C ILE B 239 5.01 -10.50 8.38
N GLN B 240 6.11 -9.93 8.85
CA GLN B 240 6.06 -8.56 9.36
C GLN B 240 5.70 -7.59 8.23
N THR B 241 6.29 -7.80 7.07
CA THR B 241 6.04 -6.95 5.90
C THR B 241 4.58 -7.01 5.44
N LEU B 242 4.03 -8.22 5.35
CA LEU B 242 2.61 -8.36 4.98
C LEU B 242 1.72 -7.64 5.98
N SER B 243 2.02 -7.81 7.27
CA SER B 243 1.22 -7.16 8.29
C SER B 243 1.25 -5.63 8.18
N GLU B 244 2.38 -5.08 7.74
CA GLU B 244 2.59 -3.64 7.77
C GLU B 244 2.29 -2.93 6.44
N ASP B 245 2.33 -3.67 5.34
CA ASP B 245 2.27 -3.07 3.99
C ASP B 245 1.25 -3.78 3.11
N GLN B 246 0.07 -3.20 2.99
CA GLN B 246 -1.02 -3.80 2.25
C GLN B 246 -0.76 -3.83 0.73
N ARG B 247 0.29 -3.16 0.24
CA ARG B 247 0.60 -3.24 -1.20
C ARG B 247 1.06 -4.63 -1.64
N PHE B 248 1.65 -5.37 -0.71
CA PHE B 248 2.01 -6.75 -1.00
C PHE B 248 0.77 -7.65 -1.00
N ARG B 249 0.61 -8.46 -2.04
CA ARG B 249 -0.63 -9.19 -2.24
C ARG B 249 -0.58 -10.60 -1.66
N CYS B 250 0.62 -11.14 -1.51
CA CYS B 250 0.79 -12.47 -0.92
C CYS B 250 2.25 -12.62 -0.52
N GLY B 251 2.54 -13.65 0.26
CA GLY B 251 3.88 -13.84 0.75
C GLY B 251 4.21 -15.31 0.78
N ILE B 252 5.48 -15.61 0.56
CA ILE B 252 5.98 -16.97 0.69
C ILE B 252 7.14 -17.00 1.68
N ALA B 253 6.98 -17.77 2.75
CA ALA B 253 8.01 -17.86 3.78
C ALA B 253 8.76 -19.18 3.64
N LEU B 254 10.05 -19.07 3.32
CA LEU B 254 10.89 -20.25 3.11
C LEU B 254 11.62 -20.57 4.40
N ASP B 255 11.20 -21.64 5.06
CA ASP B 255 11.78 -22.09 6.32
C ASP B 255 11.92 -20.91 7.28
N ALA B 256 10.79 -20.27 7.57
CA ALA B 256 10.74 -19.10 8.43
C ALA B 256 11.32 -19.38 9.81
N TRP B 257 12.09 -18.42 10.30
CA TRP B 257 12.54 -18.42 11.69
C TRP B 257 11.64 -17.43 12.41
N MET B 258 10.73 -17.95 13.23
CA MET B 258 9.59 -17.16 13.72
C MET B 258 9.90 -16.39 15.00
N PHE B 259 11.00 -16.74 15.65
CA PHE B 259 11.38 -16.08 16.91
C PHE B 259 11.33 -14.53 16.91
N PRO B 260 11.76 -13.87 15.82
CA PRO B 260 11.75 -12.40 15.89
C PRO B 260 10.37 -11.73 16.01
N LEU B 261 9.31 -12.41 15.64
CA LEU B 261 8.00 -11.79 15.53
C LEU B 261 7.33 -11.58 16.88
N GLY B 262 6.63 -10.46 17.03
CA GLY B 262 5.85 -10.21 18.24
C GLY B 262 4.55 -11.00 18.23
N ASP B 263 4.01 -11.28 19.41
CA ASP B 263 2.78 -12.05 19.54
C ASP B 263 1.58 -11.42 18.83
N GLU B 264 1.61 -10.11 18.67
CA GLU B 264 0.46 -9.39 18.14
C GLU B 264 0.30 -9.57 16.62
N VAL B 265 1.37 -9.94 15.95
CA VAL B 265 1.37 -9.92 14.49
C VAL B 265 0.65 -11.14 13.88
N TYR B 266 0.58 -12.24 14.64
CA TYR B 266 0.14 -13.50 14.07
C TYR B 266 -1.29 -13.44 13.55
N SER B 267 -2.13 -12.64 14.19
CA SER B 267 -3.51 -12.51 13.75
C SER B 267 -3.73 -11.32 12.82
N ARG B 268 -2.65 -10.68 12.38
CA ARG B 268 -2.78 -9.45 11.59
C ARG B 268 -2.14 -9.57 10.21
N ILE B 269 -2.36 -10.72 9.57
CA ILE B 269 -1.87 -10.99 8.23
C ILE B 269 -3.06 -11.28 7.32
N PRO B 270 -3.55 -10.26 6.59
CA PRO B 270 -4.69 -10.50 5.71
C PRO B 270 -4.35 -11.27 4.42
N GLN B 271 -3.13 -11.14 3.91
CA GLN B 271 -2.79 -11.72 2.61
C GLN B 271 -2.57 -13.24 2.67
N PRO B 272 -2.75 -13.92 1.53
CA PRO B 272 -2.41 -15.34 1.43
C PRO B 272 -0.95 -15.55 1.78
N LEU B 273 -0.66 -16.65 2.47
CA LEU B 273 0.66 -16.89 3.02
C LEU B 273 1.02 -18.36 2.88
N PHE B 274 2.20 -18.64 2.34
CA PHE B 274 2.65 -19.99 2.00
C PHE B 274 3.93 -20.25 2.80
N PHE B 275 3.89 -21.28 3.63
CA PHE B 275 5.08 -21.75 4.33
C PHE B 275 5.71 -22.92 3.60
N ILE B 276 6.93 -22.75 3.11
CA ILE B 276 7.66 -23.87 2.54
C ILE B 276 8.84 -24.18 3.45
N ASN B 277 8.79 -25.34 4.09
CA ASN B 277 9.74 -25.72 5.13
C ASN B 277 10.77 -26.77 4.70
N SER B 278 11.96 -26.71 5.29
CA SER B 278 12.85 -27.87 5.21
C SER B 278 12.39 -28.87 6.26
N GLU B 279 12.83 -30.12 6.13
CA GLU B 279 12.47 -31.10 7.14
C GLU B 279 13.26 -30.92 8.44
N TYR B 280 14.58 -30.75 8.33
CA TYR B 280 15.42 -30.82 9.52
C TYR B 280 15.61 -29.51 10.27
N PHE B 281 15.19 -28.38 9.70
CA PHE B 281 15.33 -27.12 10.43
C PHE B 281 14.27 -26.98 11.50
N GLN B 282 13.09 -27.51 11.23
CA GLN B 282 11.91 -27.19 12.02
C GLN B 282 11.85 -27.84 13.39
N TYR B 283 11.11 -27.20 14.28
CA TYR B 283 10.96 -27.61 15.67
C TYR B 283 9.64 -27.06 16.19
N PRO B 284 9.06 -27.71 17.21
CA PRO B 284 7.72 -27.35 17.69
C PRO B 284 7.53 -25.87 18.03
N ALA B 285 8.44 -25.27 18.78
CA ALA B 285 8.30 -23.87 19.19
C ALA B 285 8.12 -22.96 17.98
N ASN B 286 8.79 -23.32 16.89
CA ASN B 286 8.69 -22.58 15.63
C ASN B 286 7.40 -22.90 14.83
N ILE B 287 7.02 -24.19 14.80
CA ILE B 287 5.82 -24.60 14.07
C ILE B 287 4.55 -24.00 14.70
N ILE B 288 4.48 -24.01 16.03
CA ILE B 288 3.38 -23.41 16.77
C ILE B 288 3.11 -21.97 16.31
N LYS B 289 4.18 -21.20 16.13
CA LYS B 289 4.01 -19.81 15.73
C LYS B 289 3.48 -19.71 14.31
N MET B 290 3.92 -20.61 13.42
CA MET B 290 3.34 -20.68 12.08
C MET B 290 1.84 -20.96 12.17
N LYS B 291 1.44 -21.92 13.00
CA LYS B 291 0.02 -22.24 13.12
C LYS B 291 -0.80 -21.12 13.78
N LYS B 292 -0.18 -20.27 14.60
CA LYS B 292 -0.90 -19.13 15.13
C LYS B 292 -1.29 -18.15 14.01
N CYS B 293 -0.63 -18.23 12.87
CA CYS B 293 -0.97 -17.39 11.73
C CYS B 293 -2.26 -17.84 11.04
N TYR B 294 -2.71 -19.06 11.34
CA TYR B 294 -3.85 -19.66 10.63
C TYR B 294 -5.20 -19.14 11.13
N SER B 295 -6.15 -19.07 10.21
CA SER B 295 -7.50 -18.62 10.49
C SER B 295 -8.43 -19.12 9.38
N PRO B 296 -9.66 -19.53 9.75
CA PRO B 296 -10.64 -20.05 8.79
C PRO B 296 -10.90 -19.08 7.63
N ASP B 297 -10.87 -17.80 7.92
CA ASP B 297 -11.18 -16.76 6.93
C ASP B 297 -9.96 -16.30 6.14
N LYS B 298 -8.81 -16.95 6.33
CA LYS B 298 -7.62 -16.53 5.60
C LYS B 298 -6.94 -17.68 4.88
N GLU B 299 -6.26 -17.37 3.79
CA GLU B 299 -5.64 -18.39 2.98
C GLU B 299 -4.23 -18.73 3.48
N ARG B 300 -4.04 -19.98 3.91
CA ARG B 300 -2.75 -20.45 4.39
C ARG B 300 -2.41 -21.85 3.88
N LYS B 301 -1.19 -22.03 3.38
CA LYS B 301 -0.71 -23.35 2.97
C LYS B 301 0.65 -23.63 3.59
N MET B 302 0.96 -24.91 3.76
CA MET B 302 2.26 -25.32 4.25
C MET B 302 2.67 -26.63 3.61
N ILE B 303 3.93 -26.72 3.21
CA ILE B 303 4.52 -27.99 2.80
C ILE B 303 5.93 -28.13 3.39
N THR B 304 6.38 -29.37 3.49
CA THR B 304 7.74 -29.64 3.97
C THR B 304 8.45 -30.48 2.92
N ILE B 305 9.69 -30.11 2.62
CA ILE B 305 10.46 -30.86 1.63
C ILE B 305 11.23 -31.97 2.35
N ARG B 306 10.87 -33.21 2.03
CA ARG B 306 11.43 -34.36 2.71
C ARG B 306 12.94 -34.45 2.50
N GLY B 307 13.66 -34.70 3.58
CA GLY B 307 15.11 -34.85 3.53
C GLY B 307 15.92 -33.57 3.46
N SER B 308 15.26 -32.42 3.30
CA SER B 308 15.97 -31.15 3.13
C SER B 308 16.46 -30.52 4.42
N VAL B 309 17.46 -29.67 4.31
CA VAL B 309 17.97 -28.94 5.47
C VAL B 309 17.81 -27.43 5.23
N HIS B 310 18.07 -26.64 6.26
CA HIS B 310 17.90 -25.18 6.20
C HIS B 310 18.61 -24.54 5.00
N GLN B 311 19.81 -25.02 4.71
CA GLN B 311 20.63 -24.42 3.66
C GLN B 311 20.19 -24.77 2.23
N ASN B 312 19.24 -25.69 2.09
CA ASN B 312 18.77 -26.06 0.75
C ASN B 312 18.16 -24.87 -0.03
N PHE B 313 17.77 -23.82 0.68
CA PHE B 313 17.12 -22.67 0.04
C PHE B 313 18.11 -21.60 -0.41
N ALA B 314 19.35 -21.67 0.08
CA ALA B 314 20.37 -20.67 -0.23
C ALA B 314 21.41 -21.26 -1.17
N ASP B 315 22.23 -20.40 -1.77
CA ASP B 315 23.13 -20.80 -2.86
C ASP B 315 24.31 -21.68 -2.46
N PHE B 316 24.72 -21.66 -1.19
CA PHE B 316 25.88 -22.47 -0.80
C PHE B 316 25.59 -23.98 -0.89
N THR B 317 24.31 -24.34 -1.04
CA THR B 317 23.94 -25.73 -1.26
C THR B 317 24.44 -26.21 -2.63
N PHE B 318 24.84 -25.27 -3.48
CA PHE B 318 25.36 -25.58 -4.82
C PHE B 318 26.85 -25.34 -4.97
N ALA B 319 27.50 -24.84 -3.91
CA ALA B 319 28.87 -24.36 -4.02
C ALA B 319 29.94 -25.40 -3.67
N THR B 320 29.53 -26.56 -3.15
CA THR B 320 30.49 -27.62 -2.85
C THR B 320 30.04 -28.96 -3.43
N GLY B 321 30.89 -29.96 -3.31
CA GLY B 321 30.54 -31.31 -3.73
C GLY B 321 29.64 -31.97 -2.71
N LYS B 322 29.08 -33.12 -3.07
CA LYS B 322 28.10 -33.80 -2.24
C LYS B 322 28.64 -34.21 -0.87
N ILE B 323 29.84 -34.77 -0.82
CA ILE B 323 30.37 -35.28 0.45
C ILE B 323 30.73 -34.12 1.39
N ILE B 324 31.40 -33.10 0.86
CA ILE B 324 31.69 -31.91 1.65
C ILE B 324 30.38 -31.24 2.07
N GLY B 325 29.47 -31.06 1.11
CA GLY B 325 28.19 -30.44 1.37
C GLY B 325 27.39 -31.10 2.48
N HIS B 326 27.31 -32.42 2.46
CA HIS B 326 26.62 -33.13 3.52
C HIS B 326 27.34 -32.95 4.84
N MET B 327 28.68 -32.99 4.79
CA MET B 327 29.46 -32.83 6.01
C MET B 327 29.18 -31.49 6.68
N LEU B 328 29.12 -30.43 5.88
CA LEU B 328 28.95 -29.07 6.40
C LEU B 328 27.49 -28.67 6.56
N LYS B 329 26.60 -29.62 6.28
CA LYS B 329 25.15 -29.41 6.36
C LYS B 329 24.70 -28.32 5.39
N LEU B 330 25.35 -28.26 4.24
CA LEU B 330 24.89 -27.43 3.14
C LEU B 330 23.93 -28.23 2.27
N LYS B 331 24.03 -29.55 2.36
CA LYS B 331 23.17 -30.45 1.59
C LYS B 331 22.42 -31.38 2.51
N GLY B 332 21.22 -31.77 2.10
CA GLY B 332 20.44 -32.73 2.85
C GLY B 332 20.52 -34.07 2.14
N ASP B 333 19.62 -34.98 2.47
CA ASP B 333 19.60 -36.29 1.81
C ASP B 333 19.05 -36.16 0.38
N ILE B 334 18.08 -35.29 0.22
CA ILE B 334 17.52 -34.99 -1.09
C ILE B 334 18.54 -34.21 -1.93
N ASP B 335 18.51 -34.40 -3.24
CA ASP B 335 19.42 -33.68 -4.13
C ASP B 335 19.08 -32.19 -4.17
N SER B 336 20.11 -31.35 -4.21
CA SER B 336 19.91 -29.90 -4.10
C SER B 336 19.09 -29.30 -5.24
N ASN B 337 19.29 -29.78 -6.46
CA ASN B 337 18.51 -29.28 -7.58
C ASN B 337 17.05 -29.73 -7.49
N VAL B 338 16.83 -30.97 -7.04
CA VAL B 338 15.47 -31.45 -6.91
C VAL B 338 14.74 -30.62 -5.86
N ALA B 339 15.41 -30.31 -4.76
CA ALA B 339 14.81 -29.56 -3.66
C ALA B 339 14.45 -28.15 -4.09
N ILE B 340 15.36 -27.47 -4.78
CA ILE B 340 15.11 -26.08 -5.14
C ILE B 340 14.06 -26.02 -6.24
N ASP B 341 14.03 -27.05 -7.08
CA ASP B 341 13.02 -27.13 -8.15
C ASP B 341 11.64 -27.26 -7.55
N LEU B 342 11.50 -28.09 -6.51
CA LEU B 342 10.23 -28.25 -5.83
C LEU B 342 9.77 -26.92 -5.21
N SER B 343 10.67 -26.28 -4.46
CA SER B 343 10.35 -25.00 -3.82
C SER B 343 9.96 -23.95 -4.88
N ASN B 344 10.74 -23.85 -5.96
CA ASN B 344 10.46 -22.87 -7.00
C ASN B 344 9.13 -23.12 -7.72
N LYS B 345 8.86 -24.37 -8.08
CA LYS B 345 7.61 -24.70 -8.75
C LYS B 345 6.39 -24.51 -7.84
N ALA B 346 6.46 -24.96 -6.59
CA ALA B 346 5.35 -24.71 -5.67
C ALA B 346 5.15 -23.20 -5.49
N SER B 347 6.26 -22.46 -5.40
CA SER B 347 6.18 -21.01 -5.27
C SER B 347 5.46 -20.40 -6.46
N LEU B 348 5.87 -20.76 -7.67
CA LEU B 348 5.27 -20.20 -8.88
C LEU B 348 3.75 -20.49 -8.92
N ALA B 349 3.34 -21.68 -8.50
CA ALA B 349 1.92 -22.02 -8.51
C ALA B 349 1.15 -21.13 -7.55
N PHE B 350 1.73 -20.89 -6.37
CA PHE B 350 1.07 -20.09 -5.34
C PHE B 350 0.97 -18.64 -5.79
N LEU B 351 2.06 -18.14 -6.36
CA LEU B 351 2.10 -16.80 -6.93
C LEU B 351 1.06 -16.65 -8.05
N GLN B 352 0.92 -17.64 -8.92
CA GLN B 352 -0.05 -17.51 -10.00
C GLN B 352 -1.46 -17.41 -9.44
N LYS B 353 -1.72 -18.22 -8.43
CA LYS B 353 -3.04 -18.29 -7.83
C LYS B 353 -3.40 -17.00 -7.09
N HIS B 354 -2.44 -16.39 -6.40
CA HIS B 354 -2.82 -15.29 -5.52
C HIS B 354 -2.37 -13.92 -6.01
N LEU B 355 -1.62 -13.90 -7.12
CA LEU B 355 -1.37 -12.65 -7.83
C LEU B 355 -2.27 -12.57 -9.07
N GLY B 356 -2.86 -13.70 -9.43
CA GLY B 356 -3.70 -13.79 -10.62
C GLY B 356 -2.90 -13.75 -11.90
N LEU B 357 -1.79 -14.47 -11.94
CA LEU B 357 -0.94 -14.50 -13.13
C LEU B 357 -1.62 -15.26 -14.27
N HIS B 358 -1.23 -14.92 -15.49
CA HIS B 358 -1.72 -15.58 -16.69
C HIS B 358 -0.61 -16.41 -17.32
N LYS B 359 -0.23 -17.45 -16.60
CA LYS B 359 0.81 -18.34 -17.03
C LYS B 359 0.33 -19.76 -16.82
N ASP B 360 1.22 -20.72 -17.00
CA ASP B 360 0.82 -22.11 -16.86
C ASP B 360 1.46 -22.75 -15.63
N PHE B 361 1.63 -21.95 -14.57
CA PHE B 361 2.22 -22.44 -13.31
C PHE B 361 1.24 -23.30 -12.54
N ASP B 362 -0.05 -23.18 -12.86
CA ASP B 362 -1.05 -23.98 -12.15
C ASP B 362 -0.86 -25.46 -12.45
N GLN B 363 0.02 -25.78 -13.39
CA GLN B 363 0.40 -27.16 -13.63
C GLN B 363 1.08 -27.76 -12.40
N TRP B 364 1.57 -26.90 -11.51
CA TRP B 364 2.20 -27.40 -10.30
C TRP B 364 1.33 -27.17 -9.06
N ASP B 365 0.03 -27.03 -9.26
CA ASP B 365 -0.89 -26.80 -8.15
C ASP B 365 -0.83 -27.94 -7.14
N CYS B 366 -0.56 -29.15 -7.62
CA CYS B 366 -0.45 -30.31 -6.74
C CYS B 366 0.64 -30.14 -5.67
N LEU B 367 1.64 -29.32 -5.98
CA LEU B 367 2.77 -29.16 -5.07
C LEU B 367 2.38 -28.34 -3.85
N ILE B 368 1.51 -27.34 -4.06
CA ILE B 368 0.98 -26.55 -2.94
C ILE B 368 0.31 -27.43 -1.89
N GLU B 369 -0.31 -28.52 -2.34
CA GLU B 369 -0.99 -29.41 -1.42
C GLU B 369 -0.06 -30.51 -0.88
N GLY B 370 1.19 -30.49 -1.35
CA GLY B 370 2.17 -31.47 -0.91
C GLY B 370 2.03 -32.84 -1.57
N ASP B 371 1.48 -32.84 -2.79
CA ASP B 371 1.25 -34.09 -3.54
C ASP B 371 2.45 -34.47 -4.41
N ASP B 372 3.44 -35.09 -3.78
CA ASP B 372 4.69 -35.47 -4.45
C ASP B 372 5.46 -36.37 -3.51
N GLU B 373 6.24 -37.30 -4.07
CA GLU B 373 7.04 -38.23 -3.29
C GLU B 373 7.93 -37.52 -2.29
N ASN B 374 8.45 -36.37 -2.67
CA ASN B 374 9.42 -35.64 -1.86
C ASN B 374 8.82 -34.49 -1.07
N LEU B 375 7.49 -34.52 -0.87
CA LEU B 375 6.83 -33.49 -0.09
C LEU B 375 5.91 -34.06 0.97
N ILE B 376 5.81 -33.33 2.08
CA ILE B 376 4.81 -33.59 3.10
C ILE B 376 3.81 -32.44 3.10
N PRO B 377 2.50 -32.75 3.05
CA PRO B 377 1.49 -31.70 3.29
C PRO B 377 1.62 -31.18 4.72
N GLY B 378 1.66 -29.86 4.90
CA GLY B 378 1.88 -29.30 6.22
C GLY B 378 3.26 -29.64 6.75
N THR B 379 3.31 -30.22 7.95
CA THR B 379 4.58 -30.60 8.58
C THR B 379 4.41 -31.93 9.32
N ASN B 380 5.51 -32.64 9.59
CA ASN B 380 5.39 -33.88 10.36
C ASN B 380 5.46 -33.61 11.87
N ILE B 381 5.77 -32.36 12.24
CA ILE B 381 5.77 -31.98 13.64
C ILE B 381 4.33 -31.73 14.11
N ASN B 382 4.01 -32.22 15.30
CA ASN B 382 2.67 -32.04 15.85
C ASN B 382 2.66 -31.04 17.00
N THR B 383 1.62 -30.21 17.04
CA THR B 383 1.48 -29.24 18.12
C THR B 383 0.04 -29.21 18.63
N THR B 384 -0.17 -28.62 19.80
CA THR B 384 -1.52 -28.49 20.35
C THR B 384 -2.37 -27.54 19.49
#